data_6TPJ
#
_entry.id   6TPJ
#
_cell.length_a   55.325
_cell.length_b   76.247
_cell.length_c   82.737
_cell.angle_alpha   89.990
_cell.angle_beta   85.250
_cell.angle_gamma   89.970
#
_symmetry.space_group_name_H-M   'P 1'
#
loop_
_entity.id
_entity.type
_entity.pdbx_description
1 polymer 'Orexin receptor type 2,GlgA glycogen synthase,Hypocretin receptor-2'
2 non-polymer 'OLEIC ACID'
3 non-polymer [(7R)-4-(5-chloro-1,3-benzoxazol-2-yl)-7-methyl-1,4-diazepan-1-yl][5-methyl-2-(2H-1,2,3-triazol-2-yl)phenyl]methanone
4 non-polymer 'AMMONIUM ION'
5 non-polymer 'TETRAETHYLENE GLYCOL'
6 water water
#
_entity_poly.entity_id   1
_entity_poly.type   'polypeptide(L)'
_entity_poly.pdbx_seq_one_letter_code
;QDLDYKDDDDKMSGTKLEDSPPCRDWSSASELDETQEPLLDPTDYDDEEFLRYLWREYLHPKEYAWVLIAGYIIVFVVAL
IGNVLVCVAVWKNHHMRTVTNLFIVNLSLAAVLVTITCLPATLVVDITETWFFGQSLCKVIPYLQTVSVSVSALTLS
(YCM)IALDRWYAICHPLMFKSTAKRALNSIVIIWIVSCIIMIPQAIVMECSTVFPGLADKTTAFTVCDERWGGEIAPKM
YHICFFLVTYAAPLCLMVLLYLQIFRKLWCRQGIDCSFWNESYLTGSRDERKKSLLSKFGMDEGVTFMFIGRFDRGQKGV
DVLLKAIEILSSKKEFQEMRFIIIGKGDPELEGWARSLEEKHGNVKVITEMLSREFVRELYGSVDFVIIPSYFEPFGLVA
LEAMCLGAIPIASAVGGLRDIITNETGILVKAGDPGELANAILKALELSRSDLSKFRENCKKRAMSFSKQIRARRKTARM
LMVVVLVFAICYAPISILNVLKRVFGMFAHTEDRETVYAWFAFSHWLVYANSAANPIIYNFLSGKFREEFKAAFSWWWLG
VHHHHHHHHHH
;
_entity_poly.pdbx_strand_id   A,B
#
loop_
_chem_comp.id
_chem_comp.type
_chem_comp.name
_chem_comp.formula
NH4 non-polymer 'AMMONIUM ION' 'H4 N 1'
OLA non-polymer 'OLEIC ACID' 'C18 H34 O2'
PG4 non-polymer 'TETRAETHYLENE GLYCOL' 'C8 H18 O5'
SUV non-polymer [(7R)-4-(5-chloro-1,3-benzoxazol-2-yl)-7-methyl-1,4-diazepan-1-yl][5-methyl-2-(2H-1,2,3-triazol-2-yl)phenyl]methanone 'C23 H23 Cl N6 O2'
#
# COMPACT_ATOMS: atom_id res chain seq x y z
N TYR A 58 32.86 29.17 19.23
CA TYR A 58 31.40 28.95 19.03
C TYR A 58 30.92 29.79 17.85
N LEU A 59 30.34 29.12 16.84
CA LEU A 59 29.87 29.73 15.57
C LEU A 59 28.75 30.76 15.80
N HIS A 60 27.75 30.39 16.61
CA HIS A 60 26.58 31.26 16.90
C HIS A 60 25.91 31.86 15.65
N PRO A 61 25.65 33.18 15.64
CA PRO A 61 24.88 33.87 14.59
C PRO A 61 25.17 33.73 13.08
N LYS A 62 24.11 33.75 12.28
CA LYS A 62 24.17 33.72 10.82
C LYS A 62 23.79 35.01 10.10
N GLU A 63 24.51 35.33 9.02
CA GLU A 63 24.36 36.64 8.39
C GLU A 63 22.96 36.85 7.83
N TYR A 64 22.30 35.77 7.43
CA TYR A 64 20.99 35.83 6.80
C TYR A 64 19.83 35.56 7.75
N ALA A 65 20.06 35.56 9.06
CA ALA A 65 18.94 35.27 9.93
C ALA A 65 17.86 36.33 9.88
N TRP A 66 18.23 37.61 9.65
CA TRP A 66 17.20 38.65 9.63
C TRP A 66 16.16 38.39 8.54
N VAL A 67 16.61 38.02 7.35
CA VAL A 67 15.69 37.87 6.23
C VAL A 67 14.96 36.54 6.30
N LEU A 68 15.61 35.52 6.84
CA LEU A 68 14.94 34.25 7.06
C LEU A 68 13.79 34.40 8.03
N ILE A 69 14.02 35.12 9.14
CA ILE A 69 12.96 35.30 10.13
C ILE A 69 11.83 36.13 9.54
N ALA A 70 12.17 37.23 8.87
CA ALA A 70 11.17 38.08 8.23
C ALA A 70 10.36 37.31 7.19
N GLY A 71 11.06 36.58 6.31
CA GLY A 71 10.39 35.82 5.27
C GLY A 71 9.48 34.74 5.80
N TYR A 72 9.88 34.09 6.90
CA TYR A 72 8.99 33.11 7.52
C TYR A 72 7.77 33.78 8.15
N ILE A 73 7.97 34.93 8.80
CA ILE A 73 6.82 35.63 9.38
C ILE A 73 5.84 36.02 8.28
N ILE A 74 6.35 36.54 7.17
CA ILE A 74 5.50 36.97 6.08
C ILE A 74 4.76 35.79 5.46
N VAL A 75 5.50 34.72 5.15
CA VAL A 75 4.89 33.53 4.58
C VAL A 75 3.89 32.89 5.55
N PHE A 76 4.23 32.86 6.84
CA PHE A 76 3.28 32.31 7.82
C PHE A 76 1.95 33.04 7.75
N VAL A 77 2.00 34.38 7.85
CA VAL A 77 0.77 35.16 7.86
C VAL A 77 0.04 35.01 6.52
N VAL A 78 0.78 35.11 5.42
CA VAL A 78 0.16 35.08 4.10
C VAL A 78 -0.42 33.72 3.78
N ALA A 79 0.33 32.65 4.12
CA ALA A 79 -0.14 31.30 3.83
C ALA A 79 -1.35 30.93 4.67
N LEU A 80 -1.36 31.34 5.94
CA LEU A 80 -2.47 31.01 6.82
C LEU A 80 -3.74 31.72 6.41
N ILE A 81 -3.67 33.04 6.22
CA ILE A 81 -4.86 33.81 5.86
C ILE A 81 -5.37 33.39 4.48
N GLY A 82 -4.46 33.27 3.52
CA GLY A 82 -4.87 32.94 2.15
C GLY A 82 -5.55 31.60 2.04
N ASN A 83 -4.97 30.56 2.66
CA ASN A 83 -5.54 29.23 2.54
C ASN A 83 -6.82 29.09 3.35
N VAL A 84 -6.93 29.78 4.48
CA VAL A 84 -8.19 29.83 5.20
C VAL A 84 -9.27 30.46 4.33
N LEU A 85 -8.93 31.55 3.64
CA LEU A 85 -9.93 32.22 2.80
C LEU A 85 -10.34 31.34 1.63
N VAL A 86 -9.43 30.52 1.11
CA VAL A 86 -9.83 29.53 0.11
C VAL A 86 -10.92 28.64 0.66
N CYS A 87 -10.70 28.05 1.84
CA CYS A 87 -11.71 27.22 2.48
C CYS A 87 -13.00 28.00 2.70
N VAL A 88 -12.90 29.22 3.21
CA VAL A 88 -14.08 30.04 3.45
C VAL A 88 -14.82 30.31 2.14
N ALA A 89 -14.09 30.60 1.07
CA ALA A 89 -14.74 30.90 -0.20
C ALA A 89 -15.54 29.71 -0.69
N VAL A 90 -14.95 28.50 -0.65
CA VAL A 90 -15.68 27.33 -1.14
C VAL A 90 -16.82 27.01 -0.18
N TRP A 91 -16.58 27.11 1.12
CA TRP A 91 -17.61 26.72 2.08
C TRP A 91 -18.78 27.69 2.07
N LYS A 92 -18.49 29.00 1.89
CA LYS A 92 -19.56 29.98 1.98
C LYS A 92 -20.34 30.16 0.69
N ASN A 93 -19.82 29.72 -0.46
CA ASN A 93 -20.43 30.04 -1.74
C ASN A 93 -20.70 28.72 -2.45
N HIS A 94 -21.98 28.36 -2.56
CA HIS A 94 -22.31 27.04 -3.09
C HIS A 94 -21.87 26.92 -4.53
N HIS A 95 -21.86 28.06 -5.24
CA HIS A 95 -21.43 28.05 -6.64
C HIS A 95 -19.95 27.76 -6.80
N MET A 96 -19.14 27.88 -5.75
CA MET A 96 -17.74 27.50 -5.81
C MET A 96 -17.51 26.02 -5.57
N ARG A 97 -18.57 25.28 -5.22
CA ARG A 97 -18.40 23.86 -4.93
C ARG A 97 -18.36 23.15 -6.28
N THR A 98 -17.14 22.96 -6.77
CA THR A 98 -16.84 22.13 -7.92
C THR A 98 -15.78 21.14 -7.52
N VAL A 99 -15.68 20.05 -8.29
CA VAL A 99 -14.63 19.07 -8.04
C VAL A 99 -13.26 19.72 -8.05
N THR A 100 -13.00 20.60 -9.02
CA THR A 100 -11.72 21.30 -9.02
C THR A 100 -11.50 22.03 -7.69
N ASN A 101 -12.52 22.77 -7.24
CA ASN A 101 -12.36 23.60 -6.05
C ASN A 101 -12.36 22.79 -4.77
N LEU A 102 -13.07 21.66 -4.74
CA LEU A 102 -12.94 20.76 -3.60
C LEU A 102 -11.53 20.23 -3.46
N PHE A 103 -10.87 19.92 -4.58
CA PHE A 103 -9.47 19.54 -4.55
C PHE A 103 -8.61 20.72 -4.10
N ILE A 104 -8.94 21.93 -4.58
CA ILE A 104 -8.18 23.11 -4.19
C ILE A 104 -8.29 23.34 -2.69
N VAL A 105 -9.49 23.12 -2.14
CA VAL A 105 -9.67 23.19 -0.69
C VAL A 105 -8.74 22.22 0.01
N ASN A 106 -8.65 20.99 -0.49
CA ASN A 106 -7.75 20.00 0.10
C ASN A 106 -6.31 20.53 0.11
N LEU A 107 -5.86 21.08 -1.01
CA LEU A 107 -4.54 21.70 -1.04
C LEU A 107 -4.38 22.72 0.06
N SER A 108 -5.39 23.58 0.25
CA SER A 108 -5.33 24.60 1.28
C SER A 108 -5.33 24.00 2.69
N LEU A 109 -6.02 22.88 2.91
CA LEU A 109 -5.94 22.22 4.21
C LEU A 109 -4.55 21.66 4.47
N ALA A 110 -3.97 20.99 3.48
CA ALA A 110 -2.59 20.52 3.62
C ALA A 110 -1.64 21.68 3.91
N ALA A 111 -1.84 22.82 3.26
CA ALA A 111 -0.96 23.97 3.46
C ALA A 111 -1.16 24.58 4.84
N VAL A 112 -2.39 24.62 5.35
CA VAL A 112 -2.60 25.07 6.72
C VAL A 112 -1.92 24.13 7.70
N LEU A 113 -2.08 22.83 7.49
CA LEU A 113 -1.45 21.85 8.37
C LEU A 113 0.05 22.11 8.51
N VAL A 114 0.75 22.22 7.38
CA VAL A 114 2.19 22.39 7.47
C VAL A 114 2.56 23.82 7.86
N THR A 115 1.72 24.79 7.54
CA THR A 115 2.00 26.17 7.94
C THR A 115 2.03 26.31 9.46
N ILE A 116 1.15 25.59 10.15
CA ILE A 116 1.02 25.68 11.60
C ILE A 116 2.01 24.76 12.34
N THR A 117 2.20 23.54 11.85
CA THR A 117 2.96 22.55 12.61
C THR A 117 4.42 22.45 12.21
N CYS A 118 4.80 22.88 11.02
CA CYS A 118 6.15 22.65 10.54
C CYS A 118 6.93 23.94 10.32
N LEU A 119 6.31 24.95 9.72
CA LEU A 119 7.03 26.19 9.42
C LEU A 119 7.72 26.78 10.64
N PRO A 120 7.06 26.96 11.79
CA PRO A 120 7.77 27.53 12.95
C PRO A 120 8.97 26.71 13.38
N ALA A 121 8.86 25.37 13.35
CA ALA A 121 9.97 24.52 13.73
C ALA A 121 11.12 24.66 12.76
N THR A 122 10.82 24.76 11.46
CA THR A 122 11.87 24.86 10.47
C THR A 122 12.64 26.16 10.62
N LEU A 123 11.96 27.25 10.92
CA LEU A 123 12.64 28.51 11.15
C LEU A 123 13.62 28.40 12.31
N VAL A 124 13.15 27.86 13.45
CA VAL A 124 14.00 27.77 14.63
C VAL A 124 15.20 26.86 14.36
N VAL A 125 14.95 25.71 13.71
CA VAL A 125 16.03 24.77 13.45
C VAL A 125 17.08 25.37 12.52
N ASP A 126 16.62 25.98 11.42
CA ASP A 126 17.56 26.55 10.46
C ASP A 126 18.35 27.71 11.06
N ILE A 127 17.75 28.48 11.97
CA ILE A 127 18.49 29.57 12.61
C ILE A 127 19.49 29.03 13.63
N THR A 128 19.10 27.99 14.38
CA THR A 128 19.88 27.55 15.53
C THR A 128 20.63 26.25 15.29
N GLU A 129 20.28 25.50 14.26
CA GLU A 129 20.79 24.16 14.04
C GLU A 129 20.63 23.25 15.27
N THR A 130 19.59 23.51 16.05
CA THR A 130 19.30 22.78 17.27
C THR A 130 17.83 22.40 17.29
N TRP A 131 17.53 21.24 17.87
CA TRP A 131 16.15 20.78 18.01
C TRP A 131 15.72 20.95 19.46
N PHE A 132 14.73 21.81 19.68
CA PHE A 132 14.25 22.18 21.02
C PHE A 132 13.04 21.37 21.46
N PHE A 133 12.37 20.66 20.55
CA PHE A 133 10.99 20.26 20.74
C PHE A 133 10.80 18.82 21.22
N GLY A 134 11.85 18.13 21.67
CA GLY A 134 11.67 16.80 22.21
C GLY A 134 11.58 15.69 21.17
N GLN A 135 11.49 14.45 21.70
CA GLN A 135 11.62 13.25 20.88
C GLN A 135 10.37 13.00 20.04
N SER A 136 9.18 13.06 20.63
CA SER A 136 7.98 12.78 19.87
C SER A 136 7.82 13.75 18.71
N LEU A 137 8.06 15.04 18.95
CA LEU A 137 7.93 16.00 17.86
C LEU A 137 9.04 15.85 16.82
N CYS A 138 10.19 15.28 17.19
CA CYS A 138 11.20 14.95 16.18
C CYS A 138 10.67 13.97 15.15
N LYS A 139 9.75 13.08 15.55
CA LYS A 139 9.06 12.23 14.58
C LYS A 139 7.79 12.84 14.00
N VAL A 140 6.98 13.50 14.83
CA VAL A 140 5.66 13.93 14.36
C VAL A 140 5.77 15.00 13.28
N ILE A 141 6.64 15.98 13.47
CA ILE A 141 6.69 17.12 12.57
C ILE A 141 7.26 16.74 11.20
N PRO A 142 8.36 15.99 11.12
CA PRO A 142 8.79 15.51 9.80
C PRO A 142 7.76 14.62 9.14
N TYR A 143 6.97 13.89 9.92
CA TYR A 143 5.91 13.06 9.35
C TYR A 143 4.82 13.92 8.71
N LEU A 144 4.34 14.91 9.45
CA LEU A 144 3.33 15.83 8.91
C LEU A 144 3.84 16.53 7.65
N GLN A 145 5.11 16.95 7.66
CA GLN A 145 5.65 17.65 6.51
C GLN A 145 5.55 16.78 5.26
N THR A 146 5.95 15.51 5.38
CA THR A 146 5.97 14.65 4.20
C THR A 146 4.57 14.20 3.82
N VAL A 147 3.69 14.00 4.81
CA VAL A 147 2.28 13.71 4.51
C VAL A 147 1.65 14.86 3.72
N SER A 148 1.99 16.10 4.08
CA SER A 148 1.39 17.25 3.40
C SER A 148 1.93 17.40 1.99
N VAL A 149 3.22 17.14 1.81
CA VAL A 149 3.81 17.16 0.47
C VAL A 149 3.11 16.12 -0.41
N SER A 150 2.91 14.91 0.13
CA SER A 150 2.21 13.87 -0.62
C SER A 150 0.79 14.29 -0.96
N VAL A 151 0.06 14.82 0.03
CA VAL A 151 -1.29 15.31 -0.23
C VAL A 151 -1.28 16.35 -1.35
N SER A 152 -0.33 17.29 -1.29
CA SER A 152 -0.27 18.33 -2.31
C SER A 152 -0.05 17.73 -3.68
N ALA A 153 0.92 16.83 -3.82
CA ALA A 153 1.23 16.34 -5.16
C ALA A 153 0.19 15.35 -5.65
N LEU A 154 -0.42 14.56 -4.75
CA LEU A 154 -1.48 13.68 -5.18
C LEU A 154 -2.78 14.43 -5.47
N THR A 155 -3.03 15.53 -4.76
CA THR A 155 -4.18 16.37 -5.07
C THR A 155 -4.01 17.08 -6.42
N LEU A 156 -2.85 17.69 -6.64
CA LEU A 156 -2.55 18.27 -7.94
C LEU A 156 -2.69 17.23 -9.06
N SER A 157 -2.27 16.00 -8.80
CA SER A 157 -2.38 14.93 -9.80
C SER A 157 -3.83 14.63 -10.15
N YCM A 158 -4.68 14.46 -9.13
CA YCM A 158 -6.11 14.13 -9.38
CB YCM A 158 -6.76 13.65 -8.10
SG YCM A 158 -6.83 11.85 -7.95
CD YCM A 158 -7.28 11.37 -9.65
CE YCM A 158 -8.37 10.34 -9.67
OZ1 YCM A 158 -9.49 10.62 -9.25
NZ2 YCM A 158 -8.05 9.16 -10.14
C YCM A 158 -6.85 15.34 -9.95
O YCM A 158 -7.89 15.14 -10.60
N ILE A 159 -6.36 16.56 -9.70
CA ILE A 159 -6.92 17.72 -10.35
C ILE A 159 -6.67 17.56 -11.85
N ALA A 160 -5.42 17.20 -12.19
CA ALA A 160 -5.05 17.09 -13.59
C ALA A 160 -5.81 15.96 -14.28
N LEU A 161 -5.93 14.81 -13.61
CA LEU A 161 -6.62 13.67 -14.20
C LEU A 161 -8.12 13.97 -14.39
N ASP A 162 -8.71 14.70 -13.45
CA ASP A 162 -10.12 15.06 -13.59
C ASP A 162 -10.32 15.97 -14.79
N ARG A 163 -9.41 16.91 -15.02
CA ARG A 163 -9.51 17.80 -16.18
C ARG A 163 -9.26 17.05 -17.47
N TRP A 164 -8.35 16.07 -17.47
CA TRP A 164 -8.10 15.30 -18.68
C TRP A 164 -9.31 14.50 -19.13
N TYR A 165 -9.99 13.82 -18.19
CA TYR A 165 -11.20 13.11 -18.58
C TYR A 165 -12.25 14.09 -19.09
N ALA A 166 -12.34 15.27 -18.46
CA ALA A 166 -13.39 16.21 -18.85
C ALA A 166 -13.15 16.76 -20.26
N ILE A 167 -11.90 17.09 -20.59
CA ILE A 167 -11.58 17.88 -21.77
C ILE A 167 -11.06 17.02 -22.92
N CYS A 168 -10.20 16.04 -22.61
CA CYS A 168 -9.50 15.15 -23.53
C CYS A 168 -10.20 13.84 -23.82
N HIS A 169 -10.91 13.29 -22.84
CA HIS A 169 -11.61 12.03 -23.05
C HIS A 169 -12.83 12.24 -23.94
N PRO A 170 -13.09 11.31 -24.86
CA PRO A 170 -14.22 11.45 -25.79
C PRO A 170 -15.57 11.53 -25.11
N LEU A 171 -15.75 10.95 -23.93
CA LEU A 171 -17.07 11.01 -23.33
C LEU A 171 -17.19 12.22 -22.41
N MET A 172 -16.11 12.99 -22.27
CA MET A 172 -16.05 14.17 -21.40
C MET A 172 -16.74 13.89 -20.07
N PHE A 173 -16.13 13.04 -19.27
CA PHE A 173 -16.56 12.74 -17.91
C PHE A 173 -16.52 13.94 -16.96
N LYS A 174 -17.55 14.09 -16.13
CA LYS A 174 -17.54 15.08 -15.04
C LYS A 174 -17.86 14.39 -13.71
N SER A 175 -16.95 14.52 -12.75
CA SER A 175 -17.06 13.93 -11.41
C SER A 175 -18.01 14.67 -10.48
N THR A 176 -18.80 13.89 -9.73
CA THR A 176 -19.63 14.38 -8.64
C THR A 176 -18.79 14.81 -7.43
N ALA A 177 -19.43 15.60 -6.56
CA ALA A 177 -18.73 16.16 -5.41
C ALA A 177 -18.48 15.07 -4.36
N LYS A 178 -19.43 14.14 -4.22
CA LYS A 178 -19.23 13.00 -3.33
C LYS A 178 -18.03 12.17 -3.79
N ARG A 179 -17.92 11.93 -5.10
CA ARG A 179 -16.78 11.22 -5.66
C ARG A 179 -15.46 11.95 -5.38
N ALA A 180 -15.47 13.28 -5.53
CA ALA A 180 -14.26 14.06 -5.23
C ALA A 180 -13.87 13.90 -3.77
N LEU A 181 -14.85 13.99 -2.86
CA LEU A 181 -14.58 13.84 -1.44
C LEU A 181 -13.93 12.49 -1.16
N ASN A 182 -14.48 11.41 -1.74
CA ASN A 182 -13.90 10.09 -1.58
C ASN A 182 -12.45 10.09 -2.03
N SER A 183 -12.17 10.74 -3.16
CA SER A 183 -10.81 10.80 -3.67
C SER A 183 -9.95 11.50 -2.64
N ILE A 184 -10.49 12.56 -2.02
CA ILE A 184 -9.72 13.32 -1.04
C ILE A 184 -9.38 12.41 0.15
N VAL A 185 -10.32 11.57 0.56
CA VAL A 185 -10.09 10.64 1.67
C VAL A 185 -8.99 9.63 1.32
N ILE A 186 -9.08 9.04 0.12
CA ILE A 186 -8.02 8.15 -0.34
C ILE A 186 -6.67 8.84 -0.30
N ILE A 187 -6.60 10.09 -0.76
CA ILE A 187 -5.32 10.79 -0.80
C ILE A 187 -4.71 10.86 0.59
N TRP A 188 -5.52 11.22 1.60
CA TRP A 188 -4.99 11.36 2.95
C TRP A 188 -4.60 10.02 3.56
N ILE A 189 -5.38 8.97 3.30
CA ILE A 189 -5.05 7.66 3.85
C ILE A 189 -3.74 7.16 3.26
N VAL A 190 -3.64 7.17 1.93
CA VAL A 190 -2.42 6.74 1.28
C VAL A 190 -1.22 7.55 1.78
N SER A 191 -1.38 8.87 1.90
CA SER A 191 -0.26 9.71 2.29
C SER A 191 0.20 9.38 3.71
N CYS A 192 -0.75 9.22 4.64
CA CYS A 192 -0.41 8.90 6.01
C CYS A 192 0.24 7.53 6.12
N ILE A 193 -0.13 6.59 5.25
CA ILE A 193 0.46 5.25 5.34
C ILE A 193 1.86 5.22 4.75
N ILE A 194 2.07 5.82 3.57
CA ILE A 194 3.36 5.66 2.91
C ILE A 194 4.46 6.47 3.55
N MET A 195 4.12 7.40 4.45
CA MET A 195 5.09 8.24 5.16
C MET A 195 5.38 7.73 6.58
N ILE A 196 4.84 6.59 6.96
CA ILE A 196 5.17 5.92 8.22
C ILE A 196 6.68 5.72 8.35
N PRO A 197 7.38 5.29 7.30
CA PRO A 197 8.83 5.11 7.45
C PRO A 197 9.53 6.38 7.90
N GLN A 198 9.14 7.54 7.37
CA GLN A 198 9.70 8.79 7.85
C GLN A 198 9.58 8.96 9.36
N ALA A 199 8.39 8.71 9.92
CA ALA A 199 8.29 8.80 11.37
C ALA A 199 9.19 7.80 12.06
N ILE A 200 9.40 6.63 11.47
CA ILE A 200 10.20 5.61 12.13
C ILE A 200 11.66 6.04 12.19
N VAL A 201 12.19 6.61 11.09
CA VAL A 201 13.61 6.89 10.98
C VAL A 201 14.08 8.16 11.69
N MET A 202 13.20 9.08 12.06
CA MET A 202 13.64 10.32 12.68
C MET A 202 14.13 10.09 14.10
N GLU A 203 15.29 10.65 14.45
CA GLU A 203 15.74 10.49 15.82
C GLU A 203 16.45 11.76 16.27
N CYS A 204 16.26 12.06 17.54
CA CYS A 204 17.09 13.02 18.25
C CYS A 204 18.40 12.42 18.76
N SER A 205 19.47 13.17 18.57
CA SER A 205 20.78 12.82 19.07
C SER A 205 21.18 14.01 19.95
N THR A 206 21.88 13.70 21.03
CA THR A 206 22.40 14.72 21.91
C THR A 206 23.88 14.86 21.67
N VAL A 207 24.35 16.10 21.77
CA VAL A 207 25.77 16.39 21.70
C VAL A 207 26.23 17.14 22.93
N PHE A 208 27.40 16.75 23.39
CA PHE A 208 28.12 17.19 24.57
C PHE A 208 29.34 17.89 23.99
N PRO A 209 29.33 19.21 23.81
CA PRO A 209 30.58 19.89 23.47
C PRO A 209 31.40 20.32 24.67
N GLY A 210 32.72 20.20 24.51
CA GLY A 210 33.66 20.41 25.58
C GLY A 210 34.92 19.59 25.39
N LEU A 211 35.95 19.97 26.14
CA LEU A 211 37.24 19.29 26.09
C LEU A 211 37.25 18.01 26.93
N ALA A 212 37.15 18.16 28.25
CA ALA A 212 37.26 17.03 29.16
C ALA A 212 35.90 16.76 29.78
N ASP A 213 35.58 17.49 30.85
CA ASP A 213 34.23 17.43 31.39
C ASP A 213 33.30 18.28 30.52
N LYS A 214 32.31 17.61 29.92
CA LYS A 214 31.15 18.25 29.30
C LYS A 214 30.51 19.24 30.27
N THR A 215 30.12 20.44 29.78
CA THR A 215 29.35 21.36 30.62
C THR A 215 28.01 21.78 30.03
N THR A 216 27.72 21.35 28.81
CA THR A 216 26.58 21.80 28.04
C THR A 216 26.20 20.64 27.13
N ALA A 217 25.07 20.78 26.45
CA ALA A 217 24.68 19.76 25.50
C ALA A 217 23.63 20.43 24.64
N PHE A 218 23.37 19.82 23.50
CA PHE A 218 22.19 20.08 22.69
C PHE A 218 21.82 18.80 21.97
N THR A 219 20.61 18.79 21.47
CA THR A 219 19.99 17.65 20.82
C THR A 219 19.59 18.09 19.43
N VAL A 220 19.89 17.25 18.43
CA VAL A 220 19.48 17.55 17.07
C VAL A 220 18.59 16.41 16.66
N CYS A 221 17.74 16.69 15.68
CA CYS A 221 16.79 15.73 15.14
C CYS A 221 17.16 15.37 13.71
N ASP A 222 17.47 14.10 13.45
CA ASP A 222 17.88 13.72 12.08
C ASP A 222 17.48 12.26 11.85
N GLU A 223 17.50 11.84 10.58
CA GLU A 223 17.28 10.46 10.16
C GLU A 223 18.34 9.46 10.62
N ARG A 224 17.85 8.32 11.11
CA ARG A 224 18.68 7.21 11.55
C ARG A 224 18.60 6.00 10.62
N TRP A 225 19.67 5.76 9.88
CA TRP A 225 19.76 4.64 8.96
C TRP A 225 20.83 3.73 9.57
N GLY A 226 20.59 2.40 9.50
CA GLY A 226 21.55 1.29 9.76
C GLY A 226 22.27 0.71 8.55
N GLY A 227 22.23 1.41 7.41
CA GLY A 227 23.00 1.02 6.24
C GLY A 227 22.94 2.10 5.19
N GLU A 228 23.82 1.99 4.21
CA GLU A 228 23.93 3.04 3.19
C GLU A 228 22.91 2.83 2.10
N ILE A 229 22.35 1.63 2.03
CA ILE A 229 21.46 1.29 0.92
C ILE A 229 20.09 1.87 1.21
N ALA A 230 19.60 1.68 2.44
CA ALA A 230 18.24 2.07 2.77
C ALA A 230 17.98 3.56 2.56
N PRO A 231 18.81 4.48 3.07
CA PRO A 231 18.51 5.90 2.85
C PRO A 231 18.52 6.26 1.38
N LYS A 232 19.36 5.60 0.59
CA LYS A 232 19.37 5.84 -0.85
C LYS A 232 18.04 5.42 -1.47
N MET A 233 17.57 4.22 -1.15
CA MET A 233 16.31 3.74 -1.70
C MET A 233 15.12 4.55 -1.19
N TYR A 234 15.06 4.87 0.10
CA TYR A 234 13.95 5.66 0.60
C TYR A 234 13.87 7.01 -0.11
N HIS A 235 14.99 7.72 -0.22
CA HIS A 235 14.94 9.07 -0.79
C HIS A 235 14.89 9.09 -2.30
N ILE A 236 15.36 8.03 -2.97
CA ILE A 236 14.98 7.82 -4.37
C ILE A 236 13.46 7.76 -4.51
N CYS A 237 12.82 6.87 -3.74
CA CYS A 237 11.37 6.75 -3.84
C CYS A 237 10.68 8.05 -3.48
N PHE A 238 11.16 8.74 -2.45
CA PHE A 238 10.49 9.96 -2.03
C PHE A 238 10.50 10.99 -3.15
N PHE A 239 11.62 11.12 -3.85
CA PHE A 239 11.67 12.05 -4.97
C PHE A 239 10.70 11.64 -6.06
N LEU A 240 10.66 10.35 -6.41
CA LEU A 240 9.77 9.86 -7.45
C LEU A 240 8.30 10.02 -7.08
N VAL A 241 7.95 9.72 -5.83
CA VAL A 241 6.53 9.68 -5.47
C VAL A 241 5.95 11.08 -5.26
N THR A 242 6.71 11.98 -4.63
CA THR A 242 6.21 13.31 -4.30
C THR A 242 6.47 14.36 -5.38
N TYR A 243 7.43 14.12 -6.27
CA TYR A 243 7.82 15.15 -7.23
C TYR A 243 7.91 14.64 -8.66
N ALA A 244 8.75 13.64 -8.92
CA ALA A 244 9.13 13.34 -10.30
C ALA A 244 7.97 12.70 -11.03
N ALA A 245 7.42 11.62 -10.47
CA ALA A 245 6.35 10.89 -11.15
C ALA A 245 5.12 11.76 -11.34
N PRO A 246 4.60 12.44 -10.30
CA PRO A 246 3.41 13.29 -10.49
C PRO A 246 3.64 14.43 -11.46
N LEU A 247 4.85 15.01 -11.47
CA LEU A 247 5.12 16.09 -12.42
C LEU A 247 5.09 15.56 -13.84
N CYS A 248 5.68 14.39 -14.07
CA CYS A 248 5.64 13.83 -15.42
C CYS A 248 4.21 13.58 -15.86
N LEU A 249 3.41 13.03 -14.95
CA LEU A 249 1.98 12.71 -15.17
C LEU A 249 1.21 13.97 -15.51
N MET A 250 1.50 15.08 -14.81
CA MET A 250 0.78 16.35 -14.99
C MET A 250 1.25 17.07 -16.25
N VAL A 251 2.55 17.04 -16.54
CA VAL A 251 3.04 17.66 -17.78
C VAL A 251 2.45 16.98 -19.01
N LEU A 252 2.46 15.65 -19.03
CA LEU A 252 1.86 14.94 -20.15
C LEU A 252 0.36 15.22 -20.27
N LEU A 253 -0.36 15.19 -19.14
CA LEU A 253 -1.81 15.38 -19.19
C LEU A 253 -2.15 16.78 -19.65
N TYR A 254 -1.44 17.77 -19.13
CA TYR A 254 -1.69 19.17 -19.47
C TYR A 254 -1.20 19.53 -20.87
N LEU A 255 -0.20 18.83 -21.40
CA LEU A 255 0.16 19.05 -22.80
C LEU A 255 -0.98 18.68 -23.74
N GLN A 256 -1.65 17.54 -23.51
CA GLN A 256 -2.78 17.25 -24.40
C GLN A 256 -3.94 18.22 -24.16
N ILE A 257 -4.19 18.58 -22.91
CA ILE A 257 -5.24 19.55 -22.60
C ILE A 257 -4.96 20.87 -23.31
N PHE A 258 -3.74 21.37 -23.16
CA PHE A 258 -3.35 22.58 -23.89
C PHE A 258 -3.60 22.38 -25.37
N ARG A 259 -3.17 21.23 -25.90
CA ARG A 259 -3.25 21.01 -27.34
C ARG A 259 -4.70 20.97 -27.81
N LYS A 260 -5.60 20.40 -26.99
CA LYS A 260 -7.02 20.40 -27.36
C LYS A 260 -7.65 21.77 -27.19
N LEU A 261 -7.37 22.42 -26.07
CA LEU A 261 -8.08 23.64 -25.73
C LEU A 261 -7.59 24.83 -26.54
N TRP A 262 -6.28 24.95 -26.74
CA TRP A 262 -5.77 26.11 -27.46
C TRP A 262 -5.52 25.88 -28.94
N CYS A 263 -5.13 24.69 -29.39
CA CYS A 263 -4.79 24.59 -30.81
C CYS A 263 -5.77 23.83 -31.67
N ARG A 264 -6.39 22.75 -31.16
CA ARG A 264 -7.35 22.02 -31.97
C ARG A 264 -8.78 22.47 -31.78
N GLN A 265 -9.03 23.39 -30.85
CA GLN A 265 -10.40 23.83 -30.62
C GLN A 265 -10.45 25.35 -30.52
N GLY A 266 -12.86 26.87 -29.97
CA GLY A 266 -11.99 27.93 -30.48
C GLY A 266 -12.11 28.23 -31.95
N ILE A 267 -12.49 29.48 -32.24
CA ILE A 267 -12.67 29.94 -33.60
C ILE A 267 -12.26 31.40 -33.72
N ASP A 268 -11.94 31.77 -34.95
CA ASP A 268 -11.54 33.13 -35.21
C ASP A 268 -12.82 33.98 -35.25
N CYS A 269 -13.23 34.40 -34.06
CA CYS A 269 -14.49 35.17 -33.89
C CYS A 269 -14.38 36.52 -34.60
N SER A 270 -13.22 36.83 -35.13
CA SER A 270 -13.06 38.13 -35.84
C SER A 270 -13.19 37.90 -37.34
N PHE A 271 -13.15 36.64 -37.79
CA PHE A 271 -13.27 36.36 -39.22
C PHE A 271 -14.65 35.80 -39.55
N TRP A 272 -15.08 34.80 -38.79
CA TRP A 272 -16.35 34.10 -39.07
C TRP A 272 -17.53 34.81 -38.43
N ASN A 273 -17.90 35.98 -38.94
CA ASN A 273 -19.08 36.70 -38.37
C ASN A 273 -19.90 37.29 -39.51
N GLU A 274 -21.19 37.50 -39.27
CA GLU A 274 -22.22 37.96 -40.24
C GLU A 274 -21.97 39.38 -40.76
N SER A 275 -21.24 40.19 -40.00
CA SER A 275 -20.93 41.61 -40.32
C SER A 275 -20.16 41.77 -41.63
N TYR A 276 -19.38 40.78 -42.03
CA TYR A 276 -18.67 40.89 -43.32
C TYR A 276 -19.60 40.51 -44.46
N LEU A 277 -20.83 40.08 -44.16
CA LEU A 277 -21.78 39.77 -45.24
C LEU A 277 -22.64 41.00 -45.52
N THR A 278 -23.02 41.16 -46.78
CA THR A 278 -23.85 42.29 -47.19
C THR A 278 -25.17 41.79 -47.74
N GLY A 279 -26.18 42.67 -47.70
CA GLY A 279 -27.52 42.32 -48.14
C GLY A 279 -28.20 41.31 -47.22
N SER A 280 -29.40 40.91 -47.63
CA SER A 280 -30.15 39.93 -46.87
C SER A 280 -29.68 38.51 -47.22
N ARG A 281 -29.95 37.58 -46.31
CA ARG A 281 -29.62 36.18 -46.58
C ARG A 281 -30.31 35.71 -47.86
N ASP A 282 -31.55 36.16 -48.09
CA ASP A 282 -32.25 35.77 -49.31
C ASP A 282 -31.48 36.24 -50.54
N GLU A 283 -31.04 37.50 -50.55
CA GLU A 283 -30.25 38.01 -51.66
C GLU A 283 -28.99 37.19 -51.88
N ARG A 284 -28.30 36.83 -50.80
CA ARG A 284 -27.07 36.08 -50.92
C ARG A 284 -27.30 34.65 -51.38
N LYS A 285 -28.35 33.99 -50.87
CA LYS A 285 -28.62 32.62 -51.32
C LYS A 285 -29.03 32.67 -52.80
N LYS A 286 -29.89 33.61 -53.18
CA LYS A 286 -30.24 33.70 -54.60
C LYS A 286 -29.01 33.83 -55.50
N SER A 287 -28.12 34.74 -55.14
CA SER A 287 -26.87 34.85 -55.89
C SER A 287 -25.88 33.70 -55.81
N LEU A 288 -25.81 32.99 -54.67
CA LEU A 288 -24.99 31.78 -54.61
C LEU A 288 -25.48 30.73 -55.60
N LEU A 289 -26.78 30.45 -55.57
CA LEU A 289 -27.33 29.43 -56.44
C LEU A 289 -27.21 29.85 -57.90
N SER A 290 -27.40 31.14 -58.16
CA SER A 290 -27.18 31.66 -59.50
C SER A 290 -25.75 31.39 -59.97
N LYS A 291 -24.77 31.65 -59.11
CA LYS A 291 -23.37 31.48 -59.49
C LYS A 291 -23.04 30.02 -59.68
N PHE A 292 -23.75 29.14 -58.98
CA PHE A 292 -23.55 27.71 -59.06
C PHE A 292 -24.43 27.04 -60.11
N GLY A 293 -25.19 27.82 -60.88
CA GLY A 293 -26.03 27.24 -61.92
C GLY A 293 -27.15 26.36 -61.44
N MET A 294 -27.74 26.68 -60.29
CA MET A 294 -28.79 25.88 -59.68
C MET A 294 -30.07 26.69 -59.54
N ASP A 295 -31.20 25.98 -59.52
CA ASP A 295 -32.47 26.63 -59.26
C ASP A 295 -32.60 27.01 -57.79
N GLU A 296 -33.49 27.96 -57.52
CA GLU A 296 -33.88 28.29 -56.17
C GLU A 296 -34.44 27.08 -55.43
N GLY A 297 -34.07 26.95 -54.16
CA GLY A 297 -34.54 25.86 -53.34
C GLY A 297 -33.75 25.80 -52.04
N VAL A 298 -34.13 24.84 -51.21
CA VAL A 298 -33.49 24.71 -49.91
C VAL A 298 -32.13 24.05 -50.11
N THR A 299 -31.10 24.66 -49.55
CA THR A 299 -29.73 24.38 -49.95
C THR A 299 -28.99 23.78 -48.78
N PHE A 300 -28.41 22.61 -48.99
CA PHE A 300 -27.67 21.88 -47.96
C PHE A 300 -26.22 21.85 -48.40
N MET A 301 -25.33 22.00 -47.44
CA MET A 301 -23.91 21.97 -47.75
C MET A 301 -23.17 20.99 -46.87
N PHE A 302 -22.21 20.30 -47.48
CA PHE A 302 -21.22 19.51 -46.78
C PHE A 302 -19.87 20.03 -47.21
N ILE A 303 -18.94 20.13 -46.27
CA ILE A 303 -17.57 20.49 -46.62
C ILE A 303 -16.63 19.68 -45.72
N GLY A 304 -15.74 18.94 -46.35
CA GLY A 304 -14.82 18.10 -45.62
C GLY A 304 -14.19 17.09 -46.54
N ARG A 305 -13.12 16.50 -46.05
CA ARG A 305 -12.45 15.43 -46.75
C ARG A 305 -13.42 14.25 -46.95
N PHE A 306 -13.19 13.51 -48.02
CA PHE A 306 -13.97 12.32 -48.39
C PHE A 306 -13.29 11.06 -47.85
N ASP A 307 -13.96 10.37 -46.90
CA ASP A 307 -13.43 9.15 -46.31
C ASP A 307 -14.57 8.24 -45.89
N ARG A 308 -14.20 7.02 -45.51
CA ARG A 308 -15.12 6.02 -44.99
C ARG A 308 -14.82 5.84 -43.52
N GLY A 309 -15.73 6.30 -42.66
CA GLY A 309 -15.59 6.07 -41.23
C GLY A 309 -15.21 7.28 -40.41
N GLN A 310 -14.97 8.44 -41.04
CA GLN A 310 -14.62 9.65 -40.29
C GLN A 310 -15.56 10.82 -40.56
N LYS A 311 -15.55 11.39 -41.77
CA LYS A 311 -16.31 12.61 -42.02
C LYS A 311 -17.68 12.36 -42.64
N GLY A 312 -18.00 11.13 -43.03
CA GLY A 312 -19.37 10.78 -43.31
C GLY A 312 -19.88 11.11 -44.70
N VAL A 313 -19.01 11.47 -45.64
CA VAL A 313 -19.53 11.78 -46.97
C VAL A 313 -20.19 10.55 -47.57
N ASP A 314 -19.72 9.37 -47.20
CA ASP A 314 -20.38 8.13 -47.63
C ASP A 314 -21.82 8.08 -47.16
N VAL A 315 -22.09 8.55 -45.93
CA VAL A 315 -23.44 8.53 -45.41
C VAL A 315 -24.32 9.53 -46.15
N LEU A 316 -23.79 10.72 -46.42
CA LEU A 316 -24.57 11.72 -47.13
C LEU A 316 -24.90 11.27 -48.55
N LEU A 317 -23.92 10.71 -49.25
CA LEU A 317 -24.15 10.25 -50.62
C LEU A 317 -25.17 9.11 -50.66
N LYS A 318 -25.07 8.17 -49.72
CA LYS A 318 -26.08 7.12 -49.64
C LYS A 318 -27.45 7.71 -49.33
N ALA A 319 -27.49 8.72 -48.45
CA ALA A 319 -28.74 9.36 -48.08
C ALA A 319 -29.36 10.06 -49.30
N ILE A 320 -28.51 10.62 -50.16
CA ILE A 320 -28.97 11.28 -51.37
C ILE A 320 -29.59 10.26 -52.32
N GLU A 321 -28.98 9.09 -52.44
CA GLU A 321 -29.59 8.02 -53.22
C GLU A 321 -30.96 7.69 -52.69
N ILE A 322 -31.08 7.59 -51.36
CA ILE A 322 -32.37 7.31 -50.74
C ILE A 322 -33.40 8.39 -51.10
N LEU A 323 -33.01 9.66 -50.96
CA LEU A 323 -33.91 10.77 -51.23
C LEU A 323 -34.30 10.83 -52.70
N SER A 324 -33.44 10.33 -53.59
CA SER A 324 -33.58 10.65 -55.02
C SER A 324 -34.83 10.03 -55.62
N SER A 325 -35.38 8.99 -55.00
CA SER A 325 -36.62 8.41 -55.46
C SER A 325 -37.84 9.10 -54.86
N LYS A 326 -37.65 10.12 -54.02
CA LYS A 326 -38.73 10.80 -53.34
C LYS A 326 -39.07 12.10 -54.08
N LYS A 327 -40.35 12.49 -54.01
CA LYS A 327 -40.77 13.70 -54.71
C LYS A 327 -40.17 14.94 -54.08
N GLU A 328 -39.97 14.91 -52.76
CA GLU A 328 -39.35 16.01 -52.03
C GLU A 328 -37.94 16.35 -52.50
N PHE A 329 -37.23 15.36 -53.04
CA PHE A 329 -35.88 15.57 -53.55
C PHE A 329 -35.81 16.75 -54.51
N GLN A 330 -36.84 16.95 -55.32
CA GLN A 330 -36.83 18.02 -56.34
C GLN A 330 -36.72 19.41 -55.72
N GLU A 331 -37.13 19.58 -54.46
CA GLU A 331 -37.03 20.88 -53.81
C GLU A 331 -35.67 21.14 -53.15
N MET A 332 -34.78 20.17 -53.13
CA MET A 332 -33.55 20.27 -52.37
C MET A 332 -32.36 20.53 -53.28
N ARG A 333 -31.38 21.24 -52.74
CA ARG A 333 -30.12 21.51 -53.40
C ARG A 333 -28.99 21.09 -52.49
N PHE A 334 -28.01 20.40 -53.06
CA PHE A 334 -26.88 19.88 -52.31
C PHE A 334 -25.59 20.45 -52.87
N ILE A 335 -24.71 20.90 -51.99
CA ILE A 335 -23.40 21.40 -52.36
C ILE A 335 -22.37 20.61 -51.56
N ILE A 336 -21.54 19.83 -52.26
CA ILE A 336 -20.65 18.86 -51.65
C ILE A 336 -19.22 19.29 -51.99
N ILE A 337 -18.47 19.67 -50.97
CA ILE A 337 -17.16 20.28 -51.13
C ILE A 337 -16.16 19.39 -50.43
N GLY A 338 -15.18 18.87 -51.16
CA GLY A 338 -14.13 18.13 -50.51
C GLY A 338 -13.31 17.33 -51.51
N LYS A 339 -12.49 16.44 -50.96
CA LYS A 339 -11.53 15.65 -51.71
C LYS A 339 -11.08 14.48 -50.86
N GLY A 340 -10.57 13.46 -51.53
CA GLY A 340 -10.09 12.27 -50.84
C GLY A 340 -10.14 10.97 -51.61
N ASP A 341 -10.83 9.98 -51.06
CA ASP A 341 -10.97 8.68 -51.70
C ASP A 341 -11.51 8.81 -53.11
N PRO A 342 -10.77 8.38 -54.14
CA PRO A 342 -11.26 8.59 -55.51
C PRO A 342 -12.55 7.82 -55.77
N GLU A 343 -12.74 6.69 -55.08
CA GLU A 343 -13.99 5.96 -55.21
C GLU A 343 -15.18 6.76 -54.68
N LEU A 344 -14.99 7.50 -53.59
CA LEU A 344 -16.05 8.35 -53.07
C LEU A 344 -16.26 9.58 -53.94
N GLU A 345 -15.16 10.14 -54.45
CA GLU A 345 -15.24 11.24 -55.41
C GLU A 345 -16.02 10.83 -56.66
N GLY A 346 -15.77 9.62 -57.16
CA GLY A 346 -16.49 9.14 -58.33
C GLY A 346 -17.97 8.91 -58.05
N TRP A 347 -18.29 8.42 -56.85
CA TRP A 347 -19.68 8.31 -56.44
C TRP A 347 -20.36 9.68 -56.46
N ALA A 348 -19.73 10.69 -55.89
CA ALA A 348 -20.33 12.02 -55.85
C ALA A 348 -20.51 12.57 -57.26
N ARG A 349 -19.50 12.40 -58.12
CA ARG A 349 -19.58 12.95 -59.48
C ARG A 349 -20.64 12.25 -60.32
N SER A 350 -20.84 10.94 -60.12
CA SER A 350 -21.92 10.25 -60.81
C SER A 350 -23.27 10.82 -60.41
N LEU A 351 -23.46 11.10 -59.11
CA LEU A 351 -24.70 11.70 -58.64
C LEU A 351 -24.88 13.13 -59.15
N GLU A 352 -23.81 13.92 -59.17
CA GLU A 352 -23.93 15.28 -59.70
C GLU A 352 -24.36 15.27 -61.16
N GLU A 353 -23.85 14.31 -61.94
CA GLU A 353 -24.22 14.21 -63.35
C GLU A 353 -25.65 13.75 -63.51
N LYS A 354 -26.10 12.83 -62.65
CA LYS A 354 -27.44 12.26 -62.77
C LYS A 354 -28.48 13.30 -62.37
N HIS A 355 -28.15 14.19 -61.43
CA HIS A 355 -29.14 15.02 -60.74
C HIS A 355 -28.68 16.46 -60.83
N GLY A 356 -29.53 17.31 -61.44
CA GLY A 356 -29.29 18.72 -61.58
C GLY A 356 -29.20 19.49 -60.27
N ASN A 357 -29.75 18.94 -59.20
CA ASN A 357 -29.80 19.61 -57.91
C ASN A 357 -28.71 19.14 -56.97
N VAL A 358 -27.65 18.54 -57.51
CA VAL A 358 -26.49 18.11 -56.75
C VAL A 358 -25.27 18.72 -57.39
N LYS A 359 -24.46 19.43 -56.61
CA LYS A 359 -23.23 20.03 -57.08
C LYS A 359 -22.07 19.52 -56.24
N VAL A 360 -20.95 19.27 -56.89
CA VAL A 360 -19.76 18.75 -56.22
C VAL A 360 -18.61 19.67 -56.54
N ILE A 361 -17.88 20.09 -55.51
CA ILE A 361 -16.73 20.97 -55.65
C ILE A 361 -15.54 20.26 -55.06
N THR A 362 -14.59 19.88 -55.90
CA THR A 362 -13.36 19.29 -55.41
C THR A 362 -12.22 20.29 -55.40
N GLU A 363 -12.47 21.54 -55.76
CA GLU A 363 -11.41 22.54 -55.76
C GLU A 363 -11.27 23.18 -54.38
N MET A 364 -10.10 23.75 -54.13
CA MET A 364 -9.82 24.42 -52.87
C MET A 364 -10.48 25.79 -52.86
N LEU A 365 -11.20 26.08 -51.79
CA LEU A 365 -11.88 27.36 -51.63
C LEU A 365 -11.13 28.24 -50.64
N SER A 366 -11.12 29.55 -50.89
CA SER A 366 -10.52 30.49 -49.95
C SER A 366 -11.39 30.54 -48.71
N ARG A 367 -10.82 30.98 -47.58
CA ARG A 367 -11.69 31.09 -46.40
C ARG A 367 -12.78 32.13 -46.61
N GLU A 368 -12.50 33.17 -47.38
CA GLU A 368 -13.55 34.16 -47.62
C GLU A 368 -14.70 33.54 -48.40
N PHE A 369 -14.39 32.66 -49.35
CA PHE A 369 -15.42 31.97 -50.13
C PHE A 369 -16.25 31.05 -49.24
N VAL A 370 -15.59 30.28 -48.37
CA VAL A 370 -16.31 29.36 -47.48
C VAL A 370 -17.24 30.14 -46.56
N ARG A 371 -16.78 31.29 -46.06
CA ARG A 371 -17.63 32.11 -45.19
C ARG A 371 -18.88 32.56 -45.93
N GLU A 372 -18.75 32.89 -47.21
CA GLU A 372 -19.90 33.25 -48.04
C GLU A 372 -20.87 32.07 -48.17
N LEU A 373 -20.34 30.87 -48.34
CA LEU A 373 -21.19 29.67 -48.35
C LEU A 373 -21.97 29.53 -47.05
N TYR A 374 -21.27 29.61 -45.91
CA TYR A 374 -21.95 29.48 -44.63
C TYR A 374 -23.05 30.52 -44.48
N GLY A 375 -22.83 31.71 -45.02
CA GLY A 375 -23.77 32.80 -44.97
C GLY A 375 -24.80 32.74 -46.06
N SER A 376 -24.68 31.82 -47.03
CA SER A 376 -25.73 31.60 -48.00
C SER A 376 -26.68 30.38 -47.91
N VAL A 377 -26.09 29.22 -47.63
CA VAL A 377 -26.93 28.05 -47.41
C VAL A 377 -27.92 28.05 -46.25
N ASP A 378 -28.91 27.15 -46.34
CA ASP A 378 -29.88 26.99 -45.28
C ASP A 378 -29.33 26.11 -44.16
N PHE A 379 -28.76 24.96 -44.54
CA PHE A 379 -28.32 23.95 -43.58
C PHE A 379 -26.94 23.47 -43.98
N VAL A 380 -26.14 23.11 -42.98
CA VAL A 380 -24.87 22.44 -43.18
C VAL A 380 -25.00 21.03 -42.64
N ILE A 381 -24.60 20.05 -43.44
CA ILE A 381 -24.69 18.64 -43.08
C ILE A 381 -23.31 18.18 -42.65
N ILE A 382 -23.21 17.66 -41.43
CA ILE A 382 -21.95 17.24 -40.86
C ILE A 382 -22.09 15.79 -40.42
N PRO A 383 -22.02 14.84 -41.34
CA PRO A 383 -22.38 13.46 -40.99
C PRO A 383 -21.20 12.65 -40.50
N SER A 384 -20.40 13.27 -39.62
CA SER A 384 -19.18 12.65 -39.12
C SER A 384 -19.50 11.37 -38.35
N TYR A 385 -18.60 10.39 -38.44
CA TYR A 385 -18.58 9.31 -37.47
C TYR A 385 -17.91 9.74 -36.17
N PHE A 386 -16.90 10.60 -36.26
CA PHE A 386 -16.04 10.98 -35.15
C PHE A 386 -15.67 12.43 -35.35
N GLU A 387 -15.89 13.26 -34.34
CA GLU A 387 -15.67 14.71 -34.46
C GLU A 387 -15.39 15.30 -33.09
N PRO A 388 -14.15 15.16 -32.63
CA PRO A 388 -13.78 15.65 -31.29
C PRO A 388 -14.03 17.13 -31.08
N PHE A 389 -13.85 17.98 -32.10
CA PHE A 389 -13.89 19.41 -31.89
C PHE A 389 -15.05 20.12 -32.59
N GLY A 390 -15.27 19.90 -33.89
CA GLY A 390 -16.47 20.44 -34.49
C GLY A 390 -16.38 21.87 -34.95
N LEU A 391 -15.28 22.25 -35.60
CA LEU A 391 -15.12 23.63 -36.05
C LEU A 391 -16.16 24.03 -37.10
N VAL A 392 -16.53 23.10 -37.99
CA VAL A 392 -17.55 23.41 -38.99
C VAL A 392 -18.84 23.91 -38.35
N ALA A 393 -19.27 23.27 -37.27
CA ALA A 393 -20.53 23.69 -36.66
C ALA A 393 -20.43 25.11 -36.11
N LEU A 394 -19.34 25.41 -35.38
CA LEU A 394 -19.19 26.75 -34.85
C LEU A 394 -19.11 27.79 -35.97
N GLU A 395 -18.31 27.48 -36.99
CA GLU A 395 -18.16 28.39 -38.12
C GLU A 395 -19.49 28.60 -38.83
N ALA A 396 -20.18 27.50 -39.18
CA ALA A 396 -21.45 27.60 -39.88
C ALA A 396 -22.47 28.35 -39.04
N MET A 397 -22.57 28.00 -37.74
CA MET A 397 -23.60 28.60 -36.90
C MET A 397 -23.36 30.09 -36.71
N CYS A 398 -22.11 30.50 -36.57
CA CYS A 398 -21.80 31.92 -36.47
C CYS A 398 -22.34 32.72 -37.65
N LEU A 399 -22.41 32.10 -38.82
CA LEU A 399 -22.87 32.76 -40.03
C LEU A 399 -24.33 32.48 -40.36
N GLY A 400 -25.05 31.84 -39.43
CA GLY A 400 -26.47 31.64 -39.55
C GLY A 400 -26.94 30.37 -40.23
N ALA A 401 -26.03 29.50 -40.67
CA ALA A 401 -26.45 28.23 -41.26
C ALA A 401 -26.77 27.25 -40.14
N ILE A 402 -28.00 26.74 -40.14
CA ILE A 402 -28.52 25.88 -39.02
C ILE A 402 -28.02 24.49 -39.32
N PRO A 403 -27.12 23.68 -38.46
CA PRO A 403 -26.45 22.40 -38.68
C PRO A 403 -27.31 21.16 -38.54
N ILE A 404 -27.03 20.20 -39.44
CA ILE A 404 -27.57 18.86 -39.35
C ILE A 404 -26.36 17.94 -39.21
N ALA A 405 -26.20 17.38 -38.03
CA ALA A 405 -24.94 16.77 -37.66
C ALA A 405 -25.18 15.48 -36.90
N SER A 406 -24.23 14.57 -37.05
CA SER A 406 -24.19 13.39 -36.22
C SER A 406 -23.99 13.78 -34.76
N ALA A 407 -24.66 13.05 -33.87
CA ALA A 407 -24.57 13.28 -32.43
C ALA A 407 -23.36 12.53 -31.91
N VAL A 408 -22.19 13.08 -32.25
CA VAL A 408 -20.91 12.60 -31.75
C VAL A 408 -20.09 13.78 -31.27
N GLY A 409 -19.25 13.52 -30.27
CA GLY A 409 -18.13 14.40 -29.93
C GLY A 409 -18.56 15.82 -29.70
N GLY A 410 -17.80 16.75 -30.29
CA GLY A 410 -18.08 18.16 -30.11
C GLY A 410 -19.36 18.60 -30.77
N LEU A 411 -19.79 17.88 -31.82
CA LEU A 411 -21.08 18.18 -32.42
C LEU A 411 -22.22 18.03 -31.41
N ARG A 412 -22.17 16.98 -30.58
CA ARG A 412 -23.20 16.80 -29.56
C ARG A 412 -23.09 17.85 -28.46
N ASP A 413 -21.87 18.34 -28.19
CA ASP A 413 -21.68 19.43 -27.22
C ASP A 413 -22.25 20.75 -27.71
N ILE A 414 -22.13 21.02 -29.00
CA ILE A 414 -22.47 22.34 -29.53
C ILE A 414 -23.94 22.43 -29.81
N ILE A 415 -24.51 21.39 -30.43
CA ILE A 415 -25.83 21.49 -31.02
C ILE A 415 -26.84 21.04 -29.96
N THR A 416 -27.79 21.93 -29.66
CA THR A 416 -28.95 21.63 -28.82
C THR A 416 -30.22 21.49 -29.64
N ASN A 417 -31.31 21.21 -28.93
CA ASN A 417 -32.56 20.88 -29.58
C ASN A 417 -33.19 22.11 -30.20
N GLU A 418 -32.68 23.27 -29.87
CA GLU A 418 -33.27 24.49 -30.46
C GLU A 418 -32.24 25.11 -31.41
N THR A 419 -31.12 24.41 -31.68
CA THR A 419 -30.03 24.98 -32.49
C THR A 419 -29.51 24.01 -33.54
N GLY A 420 -30.29 23.03 -33.95
CA GLY A 420 -29.88 22.15 -35.02
C GLY A 420 -30.66 20.85 -34.99
N ILE A 421 -30.29 19.97 -35.91
CA ILE A 421 -30.88 18.64 -36.02
C ILE A 421 -29.77 17.60 -35.86
N LEU A 422 -29.88 16.78 -34.82
CA LEU A 422 -28.94 15.70 -34.56
C LEU A 422 -29.49 14.38 -35.13
N VAL A 423 -28.57 13.57 -35.66
CA VAL A 423 -28.88 12.26 -36.24
C VAL A 423 -27.89 11.21 -35.76
N LYS A 424 -28.33 9.94 -35.80
CA LYS A 424 -27.42 8.85 -35.49
C LYS A 424 -26.28 8.90 -36.52
N ALA A 425 -25.04 8.87 -36.01
CA ALA A 425 -23.83 9.01 -36.85
C ALA A 425 -23.61 7.90 -37.89
N GLY A 426 -24.03 6.68 -37.61
CA GLY A 426 -23.97 5.64 -38.63
C GLY A 426 -25.09 5.41 -39.62
N ASP A 427 -26.19 6.16 -39.57
CA ASP A 427 -27.41 5.80 -40.29
C ASP A 427 -27.85 6.67 -41.47
N PRO A 428 -27.65 6.24 -42.72
CA PRO A 428 -28.00 7.11 -43.87
C PRO A 428 -29.49 7.43 -43.91
N GLY A 429 -30.33 6.51 -43.47
CA GLY A 429 -31.76 6.76 -43.45
C GLY A 429 -32.10 7.84 -42.44
N GLU A 430 -31.41 7.83 -41.30
CA GLU A 430 -31.56 8.91 -40.34
C GLU A 430 -31.22 10.26 -40.95
N LEU A 431 -30.09 10.35 -41.66
CA LEU A 431 -29.74 11.61 -42.30
C LEU A 431 -30.76 12.01 -43.35
N ALA A 432 -31.26 11.06 -44.15
CA ALA A 432 -32.29 11.38 -45.13
C ALA A 432 -33.55 11.93 -44.46
N ASN A 433 -34.03 11.26 -43.41
CA ASN A 433 -35.17 11.76 -42.66
C ASN A 433 -34.91 13.14 -42.09
N ALA A 434 -33.69 13.41 -41.61
CA ALA A 434 -33.40 14.74 -41.07
C ALA A 434 -33.42 15.79 -42.18
N ILE A 435 -32.86 15.48 -43.35
CA ILE A 435 -32.92 16.40 -44.48
C ILE A 435 -34.36 16.69 -44.88
N LEU A 436 -35.21 15.66 -44.86
CA LEU A 436 -36.62 15.87 -45.17
C LEU A 436 -37.29 16.77 -44.13
N LYS A 437 -36.98 16.58 -42.85
CA LYS A 437 -37.53 17.46 -41.82
C LYS A 437 -37.07 18.90 -42.03
N ALA A 438 -35.81 19.08 -42.41
CA ALA A 438 -35.29 20.42 -42.69
C ALA A 438 -36.01 21.07 -43.86
N LEU A 439 -36.32 20.31 -44.92
CA LEU A 439 -37.11 20.86 -46.01
C LEU A 439 -38.43 21.43 -45.50
N GLU A 440 -39.13 20.68 -44.64
CA GLU A 440 -40.42 21.14 -44.14
C GLU A 440 -40.26 22.35 -43.23
N LEU A 441 -39.24 22.33 -42.37
CA LEU A 441 -38.90 23.53 -41.61
C LEU A 441 -38.69 24.71 -42.53
N SER A 442 -38.00 24.49 -43.65
CA SER A 442 -37.66 25.58 -44.55
C SER A 442 -38.89 26.16 -45.24
N ARG A 443 -40.04 25.48 -45.15
CA ARG A 443 -41.26 26.07 -45.71
C ARG A 443 -41.74 27.27 -44.90
N SER A 444 -41.13 27.54 -43.74
CA SER A 444 -41.50 28.68 -42.93
C SER A 444 -40.25 29.52 -42.67
N ASP A 445 -40.49 30.71 -42.10
CA ASP A 445 -39.38 31.56 -41.67
C ASP A 445 -38.45 30.79 -40.74
N LEU A 446 -37.16 30.79 -41.06
CA LEU A 446 -36.15 30.07 -40.23
C LEU A 446 -35.30 31.07 -39.47
N SER A 447 -35.68 32.34 -39.49
CA SER A 447 -34.86 33.41 -38.85
C SER A 447 -34.70 33.18 -37.36
N LYS A 448 -35.75 32.76 -36.66
CA LYS A 448 -35.61 32.59 -35.19
C LYS A 448 -34.56 31.52 -34.92
N PHE A 449 -34.58 30.43 -35.67
CA PHE A 449 -33.63 29.31 -35.57
C PHE A 449 -32.22 29.80 -35.91
N ARG A 450 -32.09 30.65 -36.93
CA ARG A 450 -30.75 31.16 -37.33
C ARG A 450 -30.17 31.99 -36.21
N GLU A 451 -31.00 32.79 -35.56
CA GLU A 451 -30.54 33.62 -34.44
C GLU A 451 -30.11 32.71 -33.29
N ASN A 452 -30.84 31.64 -33.05
CA ASN A 452 -30.54 30.67 -31.97
C ASN A 452 -29.16 30.05 -32.20
N CYS A 453 -28.82 29.75 -33.45
CA CYS A 453 -27.51 29.18 -33.80
C CYS A 453 -26.42 30.19 -33.45
N LYS A 454 -26.52 31.41 -33.96
CA LYS A 454 -25.50 32.42 -33.69
C LYS A 454 -25.28 32.58 -32.19
N LYS A 455 -26.37 32.70 -31.42
CA LYS A 455 -26.23 32.91 -29.99
C LYS A 455 -25.60 31.71 -29.32
N ARG A 456 -25.99 30.52 -29.75
CA ARG A 456 -25.41 29.30 -29.20
C ARG A 456 -23.92 29.21 -29.50
N ALA A 457 -23.50 29.61 -30.71
CA ALA A 457 -22.08 29.55 -31.04
C ALA A 457 -21.26 30.55 -30.24
N MET A 458 -21.77 31.76 -30.03
CA MET A 458 -21.08 32.70 -29.16
C MET A 458 -20.97 32.16 -27.74
N SER A 459 -22.06 31.55 -27.25
CA SER A 459 -22.06 31.04 -25.88
C SER A 459 -21.04 29.91 -25.73
N PHE A 460 -20.95 29.03 -26.71
CA PHE A 460 -19.93 27.99 -26.69
C PHE A 460 -18.51 28.56 -26.69
N SER A 461 -18.26 29.58 -27.52
CA SER A 461 -16.95 30.22 -27.55
C SER A 461 -16.57 30.81 -26.19
N LYS A 462 -17.46 31.58 -25.58
CA LYS A 462 -17.21 32.01 -24.21
C LYS A 462 -16.96 30.81 -23.29
N GLN A 463 -17.69 29.71 -23.48
CA GLN A 463 -17.53 28.54 -22.61
C GLN A 463 -16.15 27.91 -22.74
N ILE A 464 -15.67 27.80 -23.98
CA ILE A 464 -14.31 27.35 -24.24
C ILE A 464 -13.34 28.27 -23.55
N ARG A 465 -13.60 29.58 -23.67
CA ARG A 465 -12.73 30.56 -23.04
C ARG A 465 -12.65 30.37 -21.53
N ALA A 466 -13.77 30.06 -20.89
CA ALA A 466 -13.78 29.86 -19.43
C ALA A 466 -12.96 28.63 -19.05
N ARG A 467 -13.05 27.56 -19.86
CA ARG A 467 -12.26 26.37 -19.59
C ARG A 467 -10.78 26.67 -19.74
N ARG A 468 -10.43 27.54 -20.70
CA ARG A 468 -9.05 27.99 -20.85
C ARG A 468 -8.54 28.72 -19.63
N LYS A 469 -9.35 29.63 -19.05
CA LYS A 469 -8.85 30.37 -17.89
C LYS A 469 -8.59 29.43 -16.74
N THR A 470 -9.48 28.47 -16.51
CA THR A 470 -9.28 27.52 -15.42
C THR A 470 -8.05 26.66 -15.68
N ALA A 471 -7.90 26.15 -16.90
CA ALA A 471 -6.74 25.34 -17.25
C ALA A 471 -5.44 26.14 -17.14
N ARG A 472 -5.43 27.40 -17.59
CA ARG A 472 -4.22 28.21 -17.46
C ARG A 472 -3.85 28.40 -16.00
N MET A 473 -4.84 28.69 -15.15
CA MET A 473 -4.58 28.85 -13.73
C MET A 473 -4.00 27.58 -13.14
N LEU A 474 -4.56 26.42 -13.52
CA LEU A 474 -4.11 25.16 -12.94
C LEU A 474 -2.68 24.83 -13.36
N MET A 475 -2.31 25.14 -14.61
CA MET A 475 -0.93 24.94 -15.04
C MET A 475 0.05 25.85 -14.32
N VAL A 476 -0.37 27.08 -14.03
CA VAL A 476 0.48 27.98 -13.25
C VAL A 476 0.70 27.42 -11.85
N VAL A 477 -0.35 26.94 -11.19
CA VAL A 477 -0.18 26.31 -9.88
C VAL A 477 0.85 25.19 -9.95
N VAL A 478 0.75 24.33 -10.97
CA VAL A 478 1.67 23.21 -11.10
C VAL A 478 3.09 23.71 -11.34
N LEU A 479 3.24 24.70 -12.23
CA LEU A 479 4.55 25.27 -12.50
C LEU A 479 5.17 25.84 -11.22
N VAL A 480 4.36 26.54 -10.40
CA VAL A 480 4.89 27.13 -9.18
C VAL A 480 5.27 26.04 -8.18
N PHE A 481 4.53 24.93 -8.19
CA PHE A 481 4.89 23.79 -7.37
C PHE A 481 6.24 23.21 -7.81
N ALA A 482 6.39 22.99 -9.11
CA ALA A 482 7.64 22.45 -9.64
C ALA A 482 8.84 23.33 -9.26
N ILE A 483 8.68 24.65 -9.34
CA ILE A 483 9.78 25.57 -9.02
C ILE A 483 10.08 25.55 -7.53
N CYS A 484 9.03 25.69 -6.70
CA CYS A 484 9.27 25.83 -5.26
C CYS A 484 9.91 24.58 -4.66
N TYR A 485 9.65 23.42 -5.25
CA TYR A 485 10.16 22.17 -4.71
C TYR A 485 11.38 21.65 -5.46
N ALA A 486 11.79 22.32 -6.53
CA ALA A 486 13.01 21.95 -7.24
C ALA A 486 14.27 22.03 -6.36
N PRO A 487 14.53 23.13 -5.65
CA PRO A 487 15.81 23.22 -4.92
C PRO A 487 15.96 22.17 -3.82
N ILE A 488 14.95 22.01 -2.98
CA ILE A 488 15.03 21.03 -1.90
C ILE A 488 15.17 19.62 -2.48
N SER A 489 14.54 19.37 -3.62
CA SER A 489 14.60 18.03 -4.21
C SER A 489 15.99 17.70 -4.69
N ILE A 490 16.69 18.65 -5.31
CA ILE A 490 18.03 18.36 -5.79
C ILE A 490 19.00 18.29 -4.60
N LEU A 491 18.86 19.20 -3.64
CA LEU A 491 19.70 19.11 -2.45
C LEU A 491 19.47 17.78 -1.72
N ASN A 492 18.22 17.35 -1.60
CA ASN A 492 17.94 16.10 -0.90
C ASN A 492 18.52 14.90 -1.62
N VAL A 493 18.41 14.90 -2.95
CA VAL A 493 18.97 13.79 -3.74
C VAL A 493 20.48 13.81 -3.67
N LEU A 494 21.08 14.99 -3.84
CA LEU A 494 22.53 15.09 -3.81
C LEU A 494 23.08 14.65 -2.46
N LYS A 495 22.39 15.03 -1.38
CA LYS A 495 22.87 14.71 -0.04
C LYS A 495 22.66 13.23 0.29
N ARG A 496 21.47 12.71 0.01
CA ARG A 496 21.09 11.39 0.53
C ARG A 496 21.37 10.26 -0.45
N VAL A 497 21.32 10.53 -1.74
CA VAL A 497 21.58 9.50 -2.75
C VAL A 497 23.05 9.50 -3.16
N PHE A 498 23.63 10.68 -3.32
CA PHE A 498 24.98 10.81 -3.84
C PHE A 498 25.99 11.18 -2.76
N GLY A 499 25.55 11.30 -1.50
CA GLY A 499 26.45 11.50 -0.39
C GLY A 499 27.30 12.75 -0.39
N MET A 500 26.92 13.76 -1.18
CA MET A 500 27.60 15.06 -1.15
C MET A 500 27.38 15.75 0.19
N PHE A 501 28.14 16.83 0.39
CA PHE A 501 28.11 17.76 1.51
C PHE A 501 28.63 17.08 2.77
N ALA A 502 29.14 15.84 2.63
CA ALA A 502 29.70 15.13 3.78
C ALA A 502 30.89 15.91 4.33
N HIS A 503 31.94 16.04 3.52
CA HIS A 503 33.06 16.90 3.88
C HIS A 503 32.63 18.35 3.80
N THR A 504 32.63 19.02 4.96
CA THR A 504 32.13 20.39 5.04
C THR A 504 33.25 21.38 4.75
N GLU A 505 33.68 21.47 3.48
CA GLU A 505 34.71 22.49 3.37
C GLU A 505 34.05 23.85 3.39
N ASP A 506 32.80 23.95 2.90
CA ASP A 506 32.03 25.17 3.03
C ASP A 506 30.69 24.65 3.56
N ARG A 507 30.59 24.36 4.85
CA ARG A 507 29.29 23.93 5.35
C ARG A 507 28.32 25.11 5.41
N GLU A 508 28.90 26.30 5.57
CA GLU A 508 28.13 27.53 5.66
C GLU A 508 27.29 27.76 4.41
N THR A 509 27.90 27.66 3.22
CA THR A 509 27.13 27.89 2.01
C THR A 509 26.06 26.81 1.84
N VAL A 510 26.43 25.55 2.08
CA VAL A 510 25.47 24.45 1.95
C VAL A 510 24.33 24.60 2.93
N TYR A 511 24.62 24.97 4.18
CA TYR A 511 23.54 25.14 5.14
C TYR A 511 22.63 26.28 4.69
N ALA A 512 23.21 27.33 4.10
CA ALA A 512 22.42 28.45 3.60
C ALA A 512 21.50 28.01 2.46
N TRP A 513 22.01 27.18 1.55
CA TRP A 513 21.19 26.68 0.46
C TRP A 513 20.01 25.88 0.97
N PHE A 514 20.23 25.06 1.99
CA PHE A 514 19.11 24.31 2.56
C PHE A 514 18.07 25.23 3.18
N ALA A 515 18.51 26.26 3.89
CA ALA A 515 17.55 27.16 4.53
C ALA A 515 16.73 27.92 3.49
N PHE A 516 17.35 28.39 2.41
CA PHE A 516 16.56 28.99 1.34
C PHE A 516 15.56 27.99 0.76
N SER A 517 15.99 26.74 0.53
CA SER A 517 15.11 25.76 -0.08
C SER A 517 13.92 25.43 0.82
N HIS A 518 14.13 25.36 2.13
CA HIS A 518 13.00 25.13 3.03
C HIS A 518 12.01 26.29 2.98
N TRP A 519 12.52 27.51 3.05
CA TRP A 519 11.64 28.67 2.99
C TRP A 519 10.81 28.64 1.71
N LEU A 520 11.46 28.33 0.59
CA LEU A 520 10.78 28.31 -0.70
C LEU A 520 9.66 27.28 -0.73
N VAL A 521 9.83 26.18 0.00
CA VAL A 521 8.75 25.19 0.12
C VAL A 521 7.54 25.80 0.80
N TYR A 522 7.74 26.46 1.94
CA TYR A 522 6.63 27.09 2.62
C TYR A 522 6.04 28.24 1.81
N ALA A 523 6.86 28.91 1.00
CA ALA A 523 6.34 30.01 0.19
C ALA A 523 5.30 29.50 -0.81
N ASN A 524 5.42 28.24 -1.22
CA ASN A 524 4.43 27.65 -2.12
C ASN A 524 3.04 27.70 -1.51
N SER A 525 2.93 27.39 -0.22
CA SER A 525 1.63 27.46 0.44
C SER A 525 1.06 28.89 0.37
N ALA A 526 1.92 29.89 0.51
CA ALA A 526 1.45 31.28 0.39
C ALA A 526 1.13 31.65 -1.04
N ALA A 527 1.81 31.06 -2.03
CA ALA A 527 1.64 31.51 -3.41
C ALA A 527 0.30 31.09 -3.98
N ASN A 528 -0.18 29.89 -3.63
CA ASN A 528 -1.37 29.36 -4.29
C ASN A 528 -2.58 30.27 -4.18
N PRO A 529 -2.98 30.74 -3.00
CA PRO A 529 -4.10 31.70 -2.94
C PRO A 529 -3.85 32.97 -3.74
N ILE A 530 -2.61 33.45 -3.80
CA ILE A 530 -2.30 34.64 -4.59
C ILE A 530 -2.52 34.35 -6.06
N ILE A 531 -2.15 33.16 -6.52
CA ILE A 531 -2.39 32.77 -7.91
C ILE A 531 -3.88 32.76 -8.21
N TYR A 532 -4.67 32.15 -7.33
CA TYR A 532 -6.11 32.12 -7.57
C TYR A 532 -6.67 33.54 -7.66
N ASN A 533 -6.15 34.46 -6.82
CA ASN A 533 -6.63 35.83 -6.84
C ASN A 533 -6.35 36.52 -8.17
N PHE A 534 -5.16 36.31 -8.72
CA PHE A 534 -4.83 36.99 -9.96
C PHE A 534 -5.43 36.30 -11.18
N LEU A 535 -5.60 34.98 -11.14
CA LEU A 535 -6.00 34.21 -12.32
C LEU A 535 -7.40 33.62 -12.23
N SER A 536 -8.16 33.89 -11.17
CA SER A 536 -9.54 33.40 -11.08
C SER A 536 -10.46 34.52 -10.63
N GLY A 537 -11.40 34.92 -11.49
CA GLY A 537 -12.33 35.95 -11.09
C GLY A 537 -13.28 35.56 -9.96
N LYS A 538 -13.64 34.28 -9.85
CA LYS A 538 -14.52 33.89 -8.76
C LYS A 538 -13.80 33.92 -7.42
N PHE A 539 -12.59 33.37 -7.34
CA PHE A 539 -11.82 33.50 -6.11
C PHE A 539 -11.53 34.96 -5.79
N ARG A 540 -11.20 35.77 -6.79
CA ARG A 540 -10.87 37.16 -6.52
C ARG A 540 -12.04 37.87 -5.85
N GLU A 541 -13.25 37.69 -6.38
CA GLU A 541 -14.44 38.30 -5.78
C GLU A 541 -14.68 37.81 -4.36
N GLU A 542 -14.51 36.51 -4.12
CA GLU A 542 -14.75 36.01 -2.77
C GLU A 542 -13.66 36.46 -1.82
N PHE A 543 -12.42 36.58 -2.30
CA PHE A 543 -11.36 37.19 -1.51
C PHE A 543 -11.74 38.62 -1.18
N LYS A 544 -12.21 39.37 -2.18
CA LYS A 544 -12.64 40.75 -1.96
C LYS A 544 -13.78 40.80 -0.95
N ALA A 545 -14.72 39.85 -1.05
CA ALA A 545 -15.80 39.76 -0.07
C ALA A 545 -15.24 39.58 1.33
N ALA A 546 -14.21 38.74 1.48
CA ALA A 546 -13.59 38.53 2.77
C ALA A 546 -12.98 39.81 3.33
N PHE A 547 -12.13 40.47 2.54
CA PHE A 547 -11.50 41.70 3.01
C PHE A 547 -12.52 42.79 3.35
N SER A 548 -13.67 42.79 2.67
CA SER A 548 -14.65 43.83 2.99
C SER A 548 -15.44 43.48 4.23
N TRP A 549 -15.66 42.20 4.49
CA TRP A 549 -16.40 41.79 5.68
C TRP A 549 -15.58 42.04 6.94
N TRP A 550 -14.26 41.95 6.85
CA TRP A 550 -13.40 42.09 8.02
C TRP A 550 -13.00 43.55 8.23
N TRP A 551 -12.38 44.18 7.23
CA TRP A 551 -11.98 45.58 7.45
C TRP A 551 -13.20 46.49 7.54
N LEU A 552 -14.14 46.33 6.61
CA LEU A 552 -15.30 47.23 6.59
C LEU A 552 -16.47 46.74 7.42
N GLY A 553 -16.72 45.43 7.46
CA GLY A 553 -17.92 44.89 8.07
C GLY A 553 -19.16 44.80 7.20
N VAL A 554 -19.01 44.77 5.86
CA VAL A 554 -20.16 44.84 4.97
C VAL A 554 -21.09 43.64 5.16
N HIS A 555 -20.55 42.42 5.06
CA HIS A 555 -21.38 41.21 5.03
C HIS A 555 -22.32 41.19 3.82
N HIS A 556 -21.77 40.94 2.64
CA HIS A 556 -22.54 40.92 1.40
C HIS A 556 -23.24 39.58 1.18
N ARG B 56 -24.23 3.87 -19.57
CA ARG B 56 -23.19 2.86 -19.32
C ARG B 56 -21.95 3.53 -18.75
N GLU B 57 -22.13 4.69 -18.12
CA GLU B 57 -20.96 5.44 -17.66
C GLU B 57 -20.52 4.88 -16.32
N TYR B 58 -20.58 3.56 -16.20
CA TYR B 58 -20.21 2.87 -14.95
C TYR B 58 -18.76 2.41 -15.01
N LEU B 59 -18.47 1.44 -15.88
CA LEU B 59 -17.15 0.83 -15.88
C LEU B 59 -16.05 1.82 -16.22
N HIS B 60 -16.37 2.91 -16.91
CA HIS B 60 -15.35 3.78 -17.48
C HIS B 60 -14.61 4.58 -16.39
N PRO B 61 -15.24 5.51 -15.68
CA PRO B 61 -14.50 6.28 -14.66
C PRO B 61 -14.39 5.54 -13.33
N LYS B 62 -13.27 5.72 -12.61
CA LYS B 62 -13.28 5.22 -11.25
C LYS B 62 -12.22 5.94 -10.42
N GLU B 63 -12.60 6.41 -9.26
CA GLU B 63 -11.70 7.30 -8.50
C GLU B 63 -10.43 6.59 -7.95
N TYR B 64 -10.58 5.29 -7.65
CA TYR B 64 -9.46 4.58 -7.03
C TYR B 64 -8.65 3.70 -7.92
N ALA B 65 -8.85 3.79 -9.22
CA ALA B 65 -8.09 2.95 -10.11
C ALA B 65 -6.63 3.37 -10.07
N TRP B 66 -6.35 4.67 -9.82
CA TRP B 66 -4.95 5.10 -9.78
C TRP B 66 -4.19 4.36 -8.69
N VAL B 67 -4.77 4.26 -7.48
CA VAL B 67 -4.05 3.68 -6.36
C VAL B 67 -4.10 2.16 -6.43
N LEU B 68 -5.19 1.62 -6.98
CA LEU B 68 -5.28 0.19 -7.18
C LEU B 68 -4.20 -0.26 -8.15
N ILE B 69 -4.03 0.47 -9.25
CA ILE B 69 -3.02 0.08 -10.22
C ILE B 69 -1.63 0.22 -9.62
N ALA B 70 -1.37 1.36 -8.96
CA ALA B 70 -0.08 1.58 -8.30
C ALA B 70 0.19 0.52 -7.24
N GLY B 71 -0.79 0.27 -6.38
CA GLY B 71 -0.62 -0.72 -5.33
C GLY B 71 -0.39 -2.12 -5.85
N TYR B 72 -1.05 -2.47 -6.95
CA TYR B 72 -0.79 -3.78 -7.55
C TYR B 72 0.60 -3.82 -8.16
N ILE B 73 1.02 -2.74 -8.81
CA ILE B 73 2.37 -2.71 -9.39
C ILE B 73 3.40 -2.87 -8.29
N ILE B 74 3.22 -2.16 -7.17
CA ILE B 74 4.18 -2.23 -6.07
C ILE B 74 4.21 -3.63 -5.47
N VAL B 75 3.03 -4.18 -5.18
CA VAL B 75 2.93 -5.52 -4.62
C VAL B 75 3.46 -6.57 -5.58
N PHE B 76 3.17 -6.45 -6.87
CA PHE B 76 3.70 -7.42 -7.83
C PHE B 76 5.21 -7.49 -7.75
N VAL B 77 5.88 -6.35 -7.87
CA VAL B 77 7.34 -6.32 -7.88
C VAL B 77 7.88 -6.81 -6.54
N VAL B 78 7.29 -6.31 -5.44
CA VAL B 78 7.82 -6.63 -4.12
C VAL B 78 7.58 -8.10 -3.77
N ALA B 79 6.39 -8.61 -4.10
CA ALA B 79 6.08 -10.01 -3.80
C ALA B 79 6.92 -10.96 -4.63
N LEU B 80 7.13 -10.63 -5.90
CA LEU B 80 7.89 -11.49 -6.79
C LEU B 80 9.36 -11.54 -6.37
N ILE B 81 9.99 -10.37 -6.20
CA ILE B 81 11.39 -10.34 -5.84
C ILE B 81 11.63 -10.97 -4.47
N GLY B 82 10.80 -10.59 -3.49
CA GLY B 82 11.01 -11.08 -2.13
C GLY B 82 10.89 -12.59 -2.02
N ASN B 83 9.85 -13.16 -2.62
CA ASN B 83 9.66 -14.60 -2.50
C ASN B 83 10.67 -15.38 -3.31
N VAL B 84 11.11 -14.85 -4.45
CA VAL B 84 12.20 -15.47 -5.20
C VAL B 84 13.47 -15.49 -4.35
N LEU B 85 13.77 -14.38 -3.67
CA LEU B 85 14.97 -14.32 -2.84
C LEU B 85 14.90 -15.28 -1.66
N VAL B 86 13.70 -15.50 -1.13
CA VAL B 86 13.54 -16.55 -0.12
C VAL B 86 14.04 -17.88 -0.68
N CYS B 87 13.52 -18.27 -1.85
CA CYS B 87 13.97 -19.51 -2.48
C CYS B 87 15.48 -19.49 -2.70
N VAL B 88 16.00 -18.38 -3.22
CA VAL B 88 17.44 -18.27 -3.47
C VAL B 88 18.23 -18.39 -2.18
N ALA B 89 17.76 -17.75 -1.11
CA ALA B 89 18.47 -17.81 0.16
C ALA B 89 18.55 -19.24 0.67
N VAL B 90 17.44 -19.96 0.63
CA VAL B 90 17.45 -21.33 1.12
C VAL B 90 18.27 -22.23 0.20
N TRP B 91 18.13 -22.06 -1.13
CA TRP B 91 18.78 -22.98 -2.06
C TRP B 91 20.30 -22.85 -2.07
N LYS B 92 20.83 -21.64 -1.94
CA LYS B 92 22.29 -21.51 -2.04
C LYS B 92 23.04 -21.78 -0.74
N ASN B 93 22.38 -21.83 0.42
CA ASN B 93 23.06 -21.84 1.72
C ASN B 93 22.69 -23.04 2.59
N HIS B 94 23.65 -23.94 2.81
CA HIS B 94 23.32 -25.20 3.48
C HIS B 94 22.80 -25.02 4.91
N HIS B 95 23.26 -24.00 5.64
CA HIS B 95 22.72 -23.81 6.98
C HIS B 95 21.27 -23.30 7.00
N MET B 96 20.74 -22.81 5.88
CA MET B 96 19.34 -22.42 5.87
C MET B 96 18.36 -23.57 5.61
N ARG B 97 18.81 -24.79 5.32
CA ARG B 97 17.89 -25.87 5.03
C ARG B 97 17.31 -26.44 6.33
N THR B 98 16.78 -25.55 7.16
CA THR B 98 16.01 -25.99 8.32
C THR B 98 14.65 -26.51 7.91
N VAL B 99 14.06 -27.34 8.77
CA VAL B 99 12.70 -27.81 8.53
C VAL B 99 11.72 -26.66 8.38
N THR B 100 11.84 -25.65 9.25
CA THR B 100 11.00 -24.47 9.14
C THR B 100 11.13 -23.81 7.78
N ASN B 101 12.37 -23.63 7.32
CA ASN B 101 12.62 -22.86 6.10
C ASN B 101 12.23 -23.60 4.83
N LEU B 102 12.29 -24.93 4.81
CA LEU B 102 11.73 -25.65 3.67
C LEU B 102 10.24 -25.38 3.53
N PHE B 103 9.52 -25.32 4.65
CA PHE B 103 8.11 -24.93 4.61
C PHE B 103 7.95 -23.48 4.16
N ILE B 104 8.84 -22.61 4.63
CA ILE B 104 8.77 -21.20 4.24
C ILE B 104 8.96 -21.05 2.74
N VAL B 105 9.88 -21.84 2.17
CA VAL B 105 10.06 -21.87 0.72
C VAL B 105 8.77 -22.25 0.00
N ASN B 106 8.06 -23.26 0.50
CA ASN B 106 6.79 -23.65 -0.10
C ASN B 106 5.82 -22.48 -0.13
N LEU B 107 5.67 -21.77 0.98
CA LEU B 107 4.84 -20.57 1.00
C LEU B 107 5.27 -19.59 -0.08
N SER B 108 6.58 -19.36 -0.21
CA SER B 108 7.08 -18.44 -1.23
C SER B 108 6.82 -18.95 -2.65
N LEU B 109 6.85 -20.26 -2.86
CA LEU B 109 6.48 -20.77 -4.19
C LEU B 109 5.01 -20.53 -4.47
N ALA B 110 4.14 -20.81 -3.49
CA ALA B 110 2.72 -20.50 -3.67
C ALA B 110 2.51 -19.01 -3.94
N ALA B 111 3.27 -18.15 -3.26
CA ALA B 111 3.10 -16.73 -3.47
C ALA B 111 3.60 -16.31 -4.85
N VAL B 112 4.68 -16.92 -5.33
CA VAL B 112 5.11 -16.66 -6.70
C VAL B 112 4.05 -17.14 -7.67
N LEU B 113 3.52 -18.34 -7.45
CA LEU B 113 2.48 -18.87 -8.31
C LEU B 113 1.31 -17.90 -8.46
N VAL B 114 0.74 -17.44 -7.34
CA VAL B 114 -0.42 -16.56 -7.44
C VAL B 114 -0.02 -15.14 -7.82
N THR B 115 1.19 -14.71 -7.46
CA THR B 115 1.64 -13.38 -7.84
C THR B 115 1.71 -13.24 -9.36
N ILE B 116 2.10 -14.30 -10.04
CA ILE B 116 2.27 -14.29 -11.50
C ILE B 116 0.97 -14.57 -12.25
N THR B 117 0.16 -15.51 -11.78
CA THR B 117 -1.00 -15.97 -12.52
C THR B 117 -2.31 -15.30 -12.14
N CYS B 118 -2.40 -14.74 -10.94
CA CYS B 118 -3.68 -14.23 -10.45
C CYS B 118 -3.70 -12.73 -10.24
N LEU B 119 -2.65 -12.17 -9.64
CA LEU B 119 -2.66 -10.74 -9.36
C LEU B 119 -2.97 -9.90 -10.59
N PRO B 120 -2.31 -10.09 -11.73
CA PRO B 120 -2.64 -9.25 -12.90
C PRO B 120 -4.10 -9.36 -13.33
N ALA B 121 -4.66 -10.57 -13.28
CA ALA B 121 -6.06 -10.75 -13.65
C ALA B 121 -6.98 -10.01 -12.69
N THR B 122 -6.66 -10.05 -11.39
CA THR B 122 -7.52 -9.41 -10.41
C THR B 122 -7.52 -7.89 -10.60
N LEU B 123 -6.35 -7.33 -10.92
CA LEU B 123 -6.29 -5.88 -11.17
C LEU B 123 -7.18 -5.49 -12.34
N VAL B 124 -7.06 -6.20 -13.47
CA VAL B 124 -7.84 -5.86 -14.65
C VAL B 124 -9.33 -6.00 -14.36
N VAL B 125 -9.72 -7.11 -13.71
CA VAL B 125 -11.13 -7.36 -13.43
C VAL B 125 -11.70 -6.29 -12.49
N ASP B 126 -11.01 -5.99 -11.39
CA ASP B 126 -11.52 -4.99 -10.45
C ASP B 126 -11.57 -3.61 -11.08
N ILE B 127 -10.67 -3.28 -11.99
CA ILE B 127 -10.74 -1.97 -12.63
C ILE B 127 -11.89 -1.92 -13.65
N THR B 128 -12.10 -3.01 -14.40
CA THR B 128 -13.01 -2.98 -15.54
C THR B 128 -14.32 -3.69 -15.31
N GLU B 129 -14.43 -4.53 -14.28
CA GLU B 129 -15.57 -5.40 -14.07
C GLU B 129 -15.87 -6.27 -15.30
N THR B 130 -14.83 -6.60 -16.07
CA THR B 130 -14.96 -7.38 -17.30
C THR B 130 -13.91 -8.48 -17.29
N TRP B 131 -14.24 -9.63 -17.85
CA TRP B 131 -13.31 -10.73 -17.97
C TRP B 131 -12.84 -10.83 -19.41
N PHE B 132 -11.54 -10.61 -19.63
CA PHE B 132 -10.96 -10.55 -20.95
C PHE B 132 -10.33 -11.88 -21.38
N PHE B 133 -10.13 -12.81 -20.46
CA PHE B 133 -9.16 -13.88 -20.66
C PHE B 133 -9.74 -15.23 -21.10
N GLY B 134 -11.00 -15.28 -21.53
CA GLY B 134 -11.55 -16.52 -22.04
C GLY B 134 -12.00 -17.52 -20.99
N GLN B 135 -12.56 -18.62 -21.50
CA GLN B 135 -13.24 -19.61 -20.67
C GLN B 135 -12.27 -20.45 -19.84
N SER B 136 -11.21 -20.97 -20.47
CA SER B 136 -10.29 -21.82 -19.72
C SER B 136 -9.67 -21.06 -18.57
N LEU B 137 -9.24 -19.82 -18.80
CA LEU B 137 -8.65 -19.06 -17.72
C LEU B 137 -9.69 -18.62 -16.69
N CYS B 138 -10.98 -18.53 -17.06
CA CYS B 138 -12.00 -18.30 -16.04
C CYS B 138 -12.07 -19.42 -15.02
N LYS B 139 -11.73 -20.65 -15.41
CA LYS B 139 -11.59 -21.72 -14.43
C LYS B 139 -10.18 -21.85 -13.86
N VAL B 140 -9.15 -21.70 -14.70
CA VAL B 140 -7.79 -22.00 -14.24
C VAL B 140 -7.33 -21.02 -13.18
N ILE B 141 -7.59 -19.73 -13.38
CA ILE B 141 -7.05 -18.71 -12.49
C ILE B 141 -7.72 -18.75 -11.13
N PRO B 142 -9.05 -18.82 -11.04
CA PRO B 142 -9.67 -19.02 -9.72
C PRO B 142 -9.24 -20.30 -9.04
N TYR B 143 -8.92 -21.34 -9.80
CA TYR B 143 -8.46 -22.60 -9.22
C TYR B 143 -7.08 -22.42 -8.58
N LEU B 144 -6.14 -21.83 -9.33
CA LEU B 144 -4.81 -21.56 -8.78
C LEU B 144 -4.90 -20.69 -7.54
N GLN B 145 -5.77 -19.68 -7.56
CA GLN B 145 -5.89 -18.79 -6.41
C GLN B 145 -6.25 -19.60 -5.18
N THR B 146 -7.24 -20.50 -5.31
CA THR B 146 -7.68 -21.24 -4.15
C THR B 146 -6.70 -22.35 -3.77
N VAL B 147 -6.02 -22.93 -4.76
CA VAL B 147 -4.94 -23.88 -4.48
C VAL B 147 -3.82 -23.22 -3.68
N SER B 148 -3.48 -21.98 -4.01
CA SER B 148 -2.39 -21.31 -3.31
C SER B 148 -2.78 -20.95 -1.89
N VAL B 149 -3.98 -20.40 -1.71
CA VAL B 149 -4.46 -20.06 -0.37
C VAL B 149 -4.43 -21.29 0.51
N SER B 150 -4.91 -22.42 -0.01
CA SER B 150 -4.87 -23.67 0.75
C SER B 150 -3.44 -24.06 1.08
N VAL B 151 -2.55 -24.01 0.09
CA VAL B 151 -1.14 -24.30 0.35
C VAL B 151 -0.60 -23.39 1.45
N SER B 152 -0.92 -22.09 1.37
CA SER B 152 -0.44 -21.15 2.37
C SER B 152 -0.91 -21.55 3.76
N ALA B 153 -2.21 -21.82 3.90
CA ALA B 153 -2.73 -22.07 5.23
C ALA B 153 -2.34 -23.45 5.74
N LEU B 154 -2.23 -24.44 4.84
CA LEU B 154 -1.75 -25.75 5.28
C LEU B 154 -0.25 -25.75 5.57
N THR B 155 0.52 -24.94 4.85
CA THR B 155 1.94 -24.80 5.16
C THR B 155 2.16 -24.10 6.49
N LEU B 156 1.49 -22.97 6.71
CA LEU B 156 1.53 -22.31 8.01
C LEU B 156 1.11 -23.26 9.13
N SER B 157 0.11 -24.11 8.87
CA SER B 157 -0.35 -25.06 9.86
C SER B 157 0.75 -26.06 10.16
N YCM B 158 1.26 -26.68 9.10
CA YCM B 158 2.36 -27.66 9.19
CB YCM B 158 2.81 -28.04 7.78
SG YCM B 158 2.94 -29.82 7.45
CD YCM B 158 1.24 -30.39 7.68
CE YCM B 158 0.93 -30.66 9.14
OZ1 YCM B 158 -0.06 -30.18 9.66
NZ2 YCM B 158 1.79 -31.41 9.78
C YCM B 158 3.52 -27.04 9.99
O YCM B 158 4.08 -27.74 10.86
N ILE B 159 3.84 -25.78 9.72
CA ILE B 159 4.93 -25.11 10.42
C ILE B 159 4.65 -25.07 11.91
N ALA B 160 3.42 -24.69 12.27
CA ALA B 160 3.08 -24.57 13.68
C ALA B 160 3.12 -25.93 14.38
N LEU B 161 2.61 -26.97 13.72
CA LEU B 161 2.62 -28.30 14.31
C LEU B 161 4.03 -28.83 14.48
N ASP B 162 4.92 -28.50 13.55
CA ASP B 162 6.30 -28.93 13.68
C ASP B 162 6.97 -28.27 14.88
N ARG B 163 6.68 -27.00 15.10
CA ARG B 163 7.23 -26.28 16.26
C ARG B 163 6.64 -26.79 17.57
N TRP B 164 5.35 -27.16 17.57
CA TRP B 164 4.74 -27.67 18.80
C TRP B 164 5.38 -28.98 19.24
N TYR B 165 5.59 -29.91 18.31
CA TYR B 165 6.27 -31.15 18.69
C TYR B 165 7.68 -30.85 19.19
N ALA B 166 8.36 -29.90 18.55
CA ALA B 166 9.75 -29.63 18.93
C ALA B 166 9.84 -29.02 20.32
N ILE B 167 8.96 -28.08 20.65
CA ILE B 167 9.11 -27.22 21.83
C ILE B 167 8.22 -27.67 23.00
N CYS B 168 6.98 -28.04 22.70
CA CYS B 168 5.92 -28.41 23.65
C CYS B 168 5.83 -29.89 23.96
N HIS B 169 6.14 -30.73 22.99
CA HIS B 169 6.08 -32.17 23.20
C HIS B 169 7.23 -32.63 24.08
N PRO B 170 6.96 -33.56 25.00
CA PRO B 170 8.01 -34.05 25.92
C PRO B 170 9.18 -34.70 25.22
N LEU B 171 9.00 -35.27 24.04
CA LEU B 171 10.14 -35.92 23.41
C LEU B 171 10.87 -34.96 22.49
N MET B 172 10.38 -33.73 22.34
CA MET B 172 10.96 -32.72 21.46
C MET B 172 11.39 -33.34 20.14
N PHE B 173 10.41 -33.74 19.35
CA PHE B 173 10.62 -34.25 17.99
C PHE B 173 11.21 -33.19 17.05
N LYS B 174 12.17 -33.61 16.22
CA LYS B 174 12.71 -32.77 15.12
C LYS B 174 12.63 -33.56 13.81
N SER B 175 11.93 -32.98 12.82
CA SER B 175 11.73 -33.55 11.49
C SER B 175 12.95 -33.45 10.57
N THR B 176 13.22 -34.52 9.82
CA THR B 176 14.22 -34.47 8.76
C THR B 176 13.68 -33.70 7.55
N ALA B 177 14.59 -33.37 6.64
CA ALA B 177 14.27 -32.56 5.48
C ALA B 177 13.47 -33.36 4.46
N LYS B 178 13.78 -34.65 4.34
CA LYS B 178 13.01 -35.53 3.47
C LYS B 178 11.55 -35.59 3.92
N ARG B 179 11.34 -35.73 5.23
CA ARG B 179 9.98 -35.71 5.78
C ARG B 179 9.25 -34.41 5.49
N ALA B 180 9.94 -33.27 5.62
CA ALA B 180 9.31 -31.99 5.30
C ALA B 180 8.90 -31.93 3.83
N LEU B 181 9.79 -32.38 2.93
CA LEU B 181 9.48 -32.38 1.51
C LEU B 181 8.22 -33.20 1.23
N ASN B 182 8.13 -34.39 1.81
CA ASN B 182 6.94 -35.22 1.64
C ASN B 182 5.70 -34.47 2.08
N SER B 183 5.78 -33.77 3.22
CA SER B 183 4.63 -33.01 3.72
C SER B 183 4.24 -31.96 2.69
N ILE B 184 5.23 -31.31 2.08
CA ILE B 184 4.93 -30.26 1.11
C ILE B 184 4.19 -30.88 -0.08
N VAL B 185 4.60 -32.08 -0.49
CA VAL B 185 3.93 -32.77 -1.59
C VAL B 185 2.49 -33.09 -1.23
N ILE B 186 2.27 -33.64 -0.03
CA ILE B 186 0.91 -33.86 0.45
C ILE B 186 0.10 -32.57 0.40
N ILE B 187 0.71 -31.47 0.85
CA ILE B 187 -0.02 -30.21 0.90
C ILE B 187 -0.51 -29.83 -0.50
N TRP B 188 0.37 -29.96 -1.51
CA TRP B 188 -0.01 -29.56 -2.86
C TRP B 188 -1.03 -30.51 -3.45
N ILE B 189 -0.90 -31.81 -3.18
CA ILE B 189 -1.87 -32.77 -3.72
C ILE B 189 -3.24 -32.53 -3.12
N VAL B 190 -3.32 -32.46 -1.78
CA VAL B 190 -4.59 -32.18 -1.11
C VAL B 190 -5.19 -30.88 -1.61
N SER B 191 -4.37 -29.83 -1.75
CA SER B 191 -4.90 -28.54 -2.15
C SER B 191 -5.48 -28.61 -3.56
N CYS B 192 -4.75 -29.24 -4.48
CA CYS B 192 -5.22 -29.36 -5.85
C CYS B 192 -6.47 -30.21 -5.94
N ILE B 193 -6.62 -31.19 -5.06
CA ILE B 193 -7.81 -32.03 -5.14
C ILE B 193 -9.04 -31.35 -4.56
N ILE B 194 -8.90 -30.71 -3.39
CA ILE B 194 -10.08 -30.17 -2.72
C ILE B 194 -10.62 -28.91 -3.38
N MET B 195 -9.85 -28.30 -4.28
CA MET B 195 -10.25 -27.09 -5.00
C MET B 195 -10.77 -27.39 -6.40
N ILE B 196 -10.90 -28.66 -6.76
CA ILE B 196 -11.53 -29.09 -8.01
C ILE B 196 -12.93 -28.50 -8.15
N PRO B 197 -13.75 -28.49 -7.11
CA PRO B 197 -15.10 -27.91 -7.26
C PRO B 197 -15.05 -26.46 -7.74
N GLN B 198 -14.13 -25.65 -7.22
CA GLN B 198 -13.97 -24.29 -7.72
C GLN B 198 -13.79 -24.24 -9.23
N ALA B 199 -12.89 -25.06 -9.77
CA ALA B 199 -12.74 -25.06 -11.22
C ALA B 199 -14.04 -25.46 -11.91
N ILE B 200 -14.82 -26.35 -11.30
CA ILE B 200 -16.04 -26.80 -11.95
C ILE B 200 -17.06 -25.67 -12.02
N VAL B 201 -17.20 -24.93 -10.93
CA VAL B 201 -18.25 -23.90 -10.76
C VAL B 201 -17.99 -22.57 -11.48
N MET B 202 -16.78 -22.31 -11.96
CA MET B 202 -16.53 -21.04 -12.64
C MET B 202 -17.10 -21.11 -14.04
N GLU B 203 -17.81 -20.06 -14.45
CA GLU B 203 -18.40 -20.08 -15.80
C GLU B 203 -18.48 -18.66 -16.36
N CYS B 204 -18.08 -18.52 -17.62
CA CYS B 204 -18.29 -17.31 -18.41
C CYS B 204 -19.74 -17.06 -18.81
N SER B 205 -20.15 -15.81 -18.64
CA SER B 205 -21.44 -15.31 -19.07
C SER B 205 -21.12 -14.12 -19.96
N THR B 206 -21.91 -13.94 -21.02
CA THR B 206 -21.81 -12.79 -21.89
C THR B 206 -22.97 -11.86 -21.61
N VAL B 207 -22.72 -10.56 -21.72
CA VAL B 207 -23.80 -9.58 -21.62
C VAL B 207 -23.83 -8.71 -22.85
N PHE B 208 -25.05 -8.46 -23.30
CA PHE B 208 -25.44 -7.72 -24.49
C PHE B 208 -26.13 -6.49 -23.90
N PRO B 209 -25.45 -5.36 -23.74
CA PRO B 209 -26.16 -4.13 -23.39
C PRO B 209 -26.66 -3.34 -24.60
N GLY B 210 -27.85 -2.76 -24.42
CA GLY B 210 -28.57 -2.07 -25.48
C GLY B 210 -30.07 -2.16 -25.30
N LEU B 211 -30.84 -1.34 -26.02
CA LEU B 211 -32.30 -1.34 -25.96
C LEU B 211 -32.92 -2.40 -26.86
N ALA B 212 -32.69 -2.30 -28.16
CA ALA B 212 -33.40 -3.14 -29.10
C ALA B 212 -32.33 -4.01 -29.76
N ASP B 213 -31.67 -3.54 -30.80
CA ASP B 213 -30.55 -4.31 -31.33
C ASP B 213 -29.31 -4.10 -30.45
N LYS B 214 -28.83 -5.20 -29.85
CA LYS B 214 -27.50 -5.24 -29.24
C LYS B 214 -26.45 -4.73 -30.22
N THR B 215 -25.48 -3.88 -29.75
CA THR B 215 -24.35 -3.47 -30.57
C THR B 215 -22.99 -3.79 -29.96
N THR B 216 -22.97 -4.33 -28.74
CA THR B 216 -21.77 -4.52 -27.96
C THR B 216 -22.02 -5.71 -27.05
N ALA B 217 -20.98 -6.16 -26.38
CA ALA B 217 -21.15 -7.24 -25.42
C ALA B 217 -19.91 -7.19 -24.56
N PHE B 218 -19.99 -7.87 -23.43
CA PHE B 218 -18.85 -8.26 -22.63
C PHE B 218 -19.17 -9.57 -21.93
N THR B 219 -18.14 -10.20 -21.42
CA THR B 219 -18.18 -11.49 -20.80
C THR B 219 -17.62 -11.32 -19.40
N VAL B 220 -18.30 -11.88 -18.40
CA VAL B 220 -17.80 -11.83 -17.03
C VAL B 220 -17.63 -13.27 -16.61
N CYS B 221 -16.75 -13.46 -15.63
CA CYS B 221 -16.43 -14.76 -15.06
C CYS B 221 -16.94 -14.82 -13.62
N ASP B 222 -17.79 -15.80 -13.32
CA ASP B 222 -18.37 -15.89 -11.98
C ASP B 222 -18.78 -17.34 -11.73
N GLU B 223 -18.94 -17.71 -10.46
CA GLU B 223 -19.40 -19.05 -10.05
C GLU B 223 -20.82 -19.28 -10.56
N ARG B 224 -21.06 -20.40 -11.22
CA ARG B 224 -22.42 -20.72 -11.70
C ARG B 224 -22.94 -21.82 -10.78
N TRP B 225 -24.06 -21.60 -10.10
CA TRP B 225 -24.59 -22.60 -9.14
C TRP B 225 -26.01 -23.02 -9.51
N GLY B 226 -26.28 -24.33 -9.48
CA GLY B 226 -27.61 -24.84 -9.71
C GLY B 226 -28.58 -24.99 -8.56
N GLY B 227 -28.27 -24.43 -7.40
CA GLY B 227 -29.21 -24.44 -6.29
C GLY B 227 -28.77 -23.46 -5.24
N GLU B 228 -29.67 -23.19 -4.31
CA GLU B 228 -29.40 -22.19 -3.30
C GLU B 228 -28.59 -22.76 -2.14
N ILE B 229 -28.56 -24.09 -2.01
CA ILE B 229 -27.91 -24.74 -0.88
C ILE B 229 -26.41 -24.83 -1.11
N ALA B 230 -26.04 -25.26 -2.33
CA ALA B 230 -24.65 -25.57 -2.66
C ALA B 230 -23.71 -24.39 -2.44
N PRO B 231 -23.97 -23.18 -2.96
CA PRO B 231 -23.00 -22.11 -2.71
C PRO B 231 -22.82 -21.82 -1.24
N LYS B 232 -23.88 -21.99 -0.44
CA LYS B 232 -23.75 -21.80 0.99
C LYS B 232 -22.80 -22.83 1.60
N MET B 233 -23.01 -24.10 1.28
CA MET B 233 -22.15 -25.15 1.81
C MET B 233 -20.72 -25.05 1.30
N TYR B 234 -20.52 -24.80 -0.01
CA TYR B 234 -19.15 -24.68 -0.50
C TYR B 234 -18.39 -23.56 0.21
N HIS B 235 -19.00 -22.38 0.32
CA HIS B 235 -18.26 -21.25 0.88
C HIS B 235 -18.20 -21.27 2.40
N ILE B 236 -19.13 -21.95 3.07
CA ILE B 236 -18.90 -22.33 4.46
C ILE B 236 -17.63 -23.15 4.59
N CYS B 237 -17.54 -24.24 3.82
CA CYS B 237 -16.35 -25.10 3.89
C CYS B 237 -15.09 -24.32 3.54
N PHE B 238 -15.16 -23.47 2.51
CA PHE B 238 -13.96 -22.75 2.09
C PHE B 238 -13.43 -21.88 3.22
N PHE B 239 -14.32 -21.19 3.94
CA PHE B 239 -13.89 -20.39 5.06
C PHE B 239 -13.27 -21.24 6.17
N LEU B 240 -13.92 -22.37 6.49
CA LEU B 240 -13.41 -23.24 7.54
C LEU B 240 -12.07 -23.86 7.18
N VAL B 241 -11.91 -24.31 5.93
CA VAL B 241 -10.71 -25.07 5.59
C VAL B 241 -9.51 -24.16 5.38
N THR B 242 -9.70 -23.01 4.74
CA THR B 242 -8.61 -22.11 4.39
C THR B 242 -8.30 -21.06 5.45
N TYR B 243 -9.24 -20.76 6.35
CA TYR B 243 -9.04 -19.66 7.29
C TYR B 243 -9.38 -20.05 8.73
N ALA B 244 -10.62 -20.47 8.99
CA ALA B 244 -11.08 -20.53 10.37
C ALA B 244 -10.41 -21.68 11.11
N ALA B 245 -10.48 -22.89 10.55
CA ALA B 245 -9.93 -24.06 11.22
C ALA B 245 -8.42 -23.94 11.40
N PRO B 246 -7.64 -23.62 10.37
CA PRO B 246 -6.18 -23.50 10.56
C PRO B 246 -5.79 -22.40 11.53
N LEU B 247 -6.53 -21.29 11.56
CA LEU B 247 -6.21 -20.23 12.50
C LEU B 247 -6.44 -20.70 13.93
N CYS B 248 -7.54 -21.41 14.17
CA CYS B 248 -7.78 -21.90 15.52
C CYS B 248 -6.67 -22.89 15.85
N LEU B 249 -6.28 -23.72 14.89
CA LEU B 249 -5.22 -24.69 15.16
C LEU B 249 -3.92 -23.97 15.53
N MET B 250 -3.56 -22.94 14.77
CA MET B 250 -2.35 -22.19 15.09
C MET B 250 -2.40 -21.31 16.33
N VAL B 251 -3.53 -20.69 16.61
CA VAL B 251 -3.64 -19.89 17.83
C VAL B 251 -3.47 -20.77 19.07
N LEU B 252 -4.16 -21.92 19.11
CA LEU B 252 -4.00 -22.82 20.24
C LEU B 252 -2.56 -23.33 20.37
N LEU B 253 -1.97 -23.75 19.24
CA LEU B 253 -0.62 -24.31 19.29
C LEU B 253 0.40 -23.27 19.74
N TYR B 254 0.29 -22.06 19.20
CA TYR B 254 1.23 -20.99 19.52
C TYR B 254 1.00 -20.42 20.92
N LEU B 255 -0.22 -20.52 21.45
CA LEU B 255 -0.41 -20.15 22.85
C LEU B 255 0.39 -21.05 23.79
N GLN B 256 0.39 -22.37 23.57
CA GLN B 256 1.21 -23.22 24.44
C GLN B 256 2.70 -22.99 24.20
N ILE B 257 3.09 -22.79 22.94
CA ILE B 257 4.49 -22.49 22.63
C ILE B 257 4.90 -21.24 23.37
N PHE B 258 4.09 -20.18 23.25
CA PHE B 258 4.35 -18.95 23.98
C PHE B 258 4.51 -19.26 25.46
N ARG B 259 3.59 -20.06 26.02
CA ARG B 259 3.61 -20.31 27.45
C ARG B 259 4.88 -21.05 27.89
N LYS B 260 5.38 -21.97 27.05
CA LYS B 260 6.61 -22.67 27.40
C LYS B 260 7.84 -21.79 27.25
N LEU B 261 7.93 -21.07 26.14
CA LEU B 261 9.16 -20.36 25.84
C LEU B 261 9.33 -19.08 26.65
N TRP B 262 8.24 -18.32 26.84
CA TRP B 262 8.39 -17.05 27.54
C TRP B 262 8.08 -17.11 29.03
N CYS B 263 7.14 -17.92 29.50
CA CYS B 263 6.80 -17.82 30.92
C CYS B 263 7.28 -18.98 31.78
N ARG B 264 7.25 -20.20 31.26
CA ARG B 264 7.68 -21.40 31.98
C ARG B 264 9.14 -21.78 31.76
N GLN B 265 9.85 -21.06 30.91
CA GLN B 265 11.24 -21.33 30.56
C GLN B 265 12.07 -20.05 30.59
N GLY B 266 13.40 -20.22 30.69
CA GLY B 266 14.27 -19.07 30.75
C GLY B 266 14.58 -18.71 32.18
N ILE B 267 15.60 -17.88 32.35
CA ILE B 267 16.03 -17.49 33.68
C ILE B 267 16.47 -16.03 33.71
N ASP B 268 16.43 -15.48 34.92
CA ASP B 268 16.82 -14.10 35.19
C ASP B 268 18.33 -14.04 35.23
N CYS B 269 18.95 -13.77 34.08
CA CYS B 269 20.41 -13.76 34.05
C CYS B 269 20.98 -12.60 34.84
N SER B 270 20.21 -11.52 35.02
CA SER B 270 20.69 -10.43 35.85
C SER B 270 20.71 -10.78 37.32
N PHE B 271 19.96 -11.81 37.74
CA PHE B 271 20.04 -12.22 39.14
C PHE B 271 20.90 -13.45 39.34
N TRP B 272 20.67 -14.54 38.59
CA TRP B 272 21.40 -15.78 38.88
C TRP B 272 22.77 -15.78 38.22
N ASN B 273 23.74 -15.18 38.89
CA ASN B 273 24.97 -14.73 38.25
C ASN B 273 26.01 -14.64 39.36
N GLU B 274 27.18 -15.25 39.16
CA GLU B 274 28.19 -15.29 40.23
C GLU B 274 28.84 -13.96 40.52
N SER B 275 28.68 -12.93 39.69
CA SER B 275 29.21 -11.62 40.04
C SER B 275 28.72 -11.13 41.41
N TYR B 276 27.54 -11.56 41.86
CA TYR B 276 27.04 -11.07 43.14
C TYR B 276 27.65 -11.79 44.34
N LEU B 277 28.43 -12.85 44.13
CA LEU B 277 29.09 -13.59 45.18
C LEU B 277 30.49 -13.01 45.45
N THR B 278 30.90 -13.07 46.71
CA THR B 278 32.20 -12.54 47.12
C THR B 278 33.08 -13.66 47.66
N GLY B 279 34.40 -13.43 47.61
CA GLY B 279 35.37 -14.41 48.04
C GLY B 279 35.41 -15.63 47.14
N SER B 280 36.25 -16.59 47.55
CA SER B 280 36.38 -17.84 46.81
C SER B 280 35.25 -18.79 47.19
N ARG B 281 34.98 -19.76 46.31
CA ARG B 281 33.96 -20.75 46.62
C ARG B 281 34.25 -21.51 47.92
N ASP B 282 35.52 -21.83 48.20
CA ASP B 282 35.84 -22.52 49.45
C ASP B 282 35.46 -21.65 50.64
N GLU B 283 35.81 -20.37 50.58
CA GLU B 283 35.45 -19.46 51.65
C GLU B 283 33.95 -19.46 51.84
N ARG B 284 33.20 -19.41 50.74
CA ARG B 284 31.75 -19.38 50.85
C ARG B 284 31.21 -20.72 51.33
N LYS B 285 31.76 -21.83 50.83
CA LYS B 285 31.33 -23.14 51.31
C LYS B 285 31.60 -23.36 52.79
N LYS B 286 32.80 -23.02 53.25
CA LYS B 286 33.11 -23.20 54.66
C LYS B 286 32.19 -22.35 55.54
N SER B 287 31.86 -21.15 55.07
CA SER B 287 30.93 -20.29 55.80
C SER B 287 29.54 -20.89 55.82
N LEU B 288 29.14 -21.53 54.73
CA LEU B 288 27.83 -22.15 54.66
C LEU B 288 27.73 -23.29 55.65
N LEU B 289 28.72 -24.19 55.64
CA LEU B 289 28.67 -25.33 56.54
C LEU B 289 28.79 -24.89 57.98
N SER B 290 29.61 -23.87 58.26
CA SER B 290 29.69 -23.31 59.60
C SER B 290 28.34 -22.78 60.07
N LYS B 291 27.65 -22.04 59.20
CA LYS B 291 26.37 -21.43 59.58
C LYS B 291 25.30 -22.48 59.79
N PHE B 292 25.42 -23.60 59.09
CA PHE B 292 24.49 -24.72 59.17
C PHE B 292 24.88 -25.75 60.23
N GLY B 293 25.93 -25.50 61.00
CA GLY B 293 26.30 -26.46 62.02
C GLY B 293 26.78 -27.78 61.44
N MET B 294 27.47 -27.76 60.29
CA MET B 294 27.86 -29.00 59.65
C MET B 294 29.39 -29.04 59.55
N ASP B 295 29.96 -30.24 59.50
CA ASP B 295 31.40 -30.37 59.29
C ASP B 295 31.81 -30.06 57.86
N GLU B 296 33.10 -29.74 57.67
CA GLU B 296 33.63 -29.67 56.30
C GLU B 296 33.44 -30.99 55.55
N GLY B 297 33.09 -30.89 54.29
CA GLY B 297 32.89 -32.08 53.48
C GLY B 297 32.21 -31.74 52.18
N VAL B 298 32.03 -32.76 51.36
CA VAL B 298 31.41 -32.56 50.05
C VAL B 298 29.91 -32.40 50.24
N THR B 299 29.34 -31.35 49.66
CA THR B 299 28.02 -30.88 50.05
C THR B 299 27.07 -31.02 48.87
N PHE B 300 25.97 -31.72 49.09
CA PHE B 300 24.97 -31.98 48.07
C PHE B 300 23.71 -31.24 48.49
N MET B 301 23.01 -30.66 47.53
CA MET B 301 21.79 -29.95 47.84
C MET B 301 20.63 -30.41 46.97
N PHE B 302 19.47 -30.50 47.61
CA PHE B 302 18.20 -30.68 46.93
C PHE B 302 17.30 -29.53 47.36
N ILE B 303 16.56 -28.96 46.42
CA ILE B 303 15.57 -27.88 46.71
C ILE B 303 14.35 -28.17 45.83
N GLY B 304 13.19 -28.45 46.41
CA GLY B 304 12.05 -28.82 45.60
C GLY B 304 10.92 -29.34 46.46
N ARG B 305 9.78 -29.51 45.80
CA ARG B 305 8.57 -30.02 46.48
C ARG B 305 8.81 -31.48 46.88
N PHE B 306 8.23 -31.84 48.01
CA PHE B 306 8.28 -33.20 48.54
C PHE B 306 7.07 -33.92 47.97
N ASP B 307 7.29 -34.89 47.08
CA ASP B 307 6.20 -35.64 46.49
C ASP B 307 6.68 -37.03 46.12
N ARG B 308 5.72 -37.88 45.73
CA ARG B 308 6.02 -39.22 45.26
C ARG B 308 5.66 -39.19 43.78
N GLY B 309 6.68 -39.24 42.92
CA GLY B 309 6.39 -39.33 41.51
C GLY B 309 6.66 -38.06 40.73
N GLN B 310 7.06 -36.97 41.38
CA GLN B 310 7.35 -35.72 40.67
C GLN B 310 8.75 -35.18 40.87
N LYS B 311 9.10 -34.73 42.07
CA LYS B 311 10.39 -34.08 42.28
C LYS B 311 11.47 -35.00 42.83
N GLY B 312 11.12 -36.22 43.21
CA GLY B 312 12.15 -37.23 43.44
C GLY B 312 12.76 -37.22 44.82
N VAL B 313 12.21 -36.47 45.78
CA VAL B 313 12.83 -36.47 47.10
C VAL B 313 12.74 -37.86 47.69
N ASP B 314 11.72 -38.62 47.30
CA ASP B 314 11.62 -40.01 47.73
C ASP B 314 12.82 -40.82 47.26
N VAL B 315 13.31 -40.55 46.04
CA VAL B 315 14.46 -41.28 45.53
C VAL B 315 15.72 -40.91 46.29
N LEU B 316 15.89 -39.60 46.56
CA LEU B 316 17.06 -39.14 47.29
C LEU B 316 17.10 -39.69 48.71
N LEU B 317 15.96 -39.65 49.41
CA LEU B 317 15.94 -40.15 50.78
C LEU B 317 16.21 -41.65 50.82
N LYS B 318 15.64 -42.41 49.88
CA LYS B 318 15.97 -43.83 49.81
C LYS B 318 17.46 -44.01 49.50
N ALA B 319 18.00 -43.18 48.60
CA ALA B 319 19.41 -43.28 48.24
C ALA B 319 20.30 -42.98 49.45
N ILE B 320 19.86 -42.05 50.30
CA ILE B 320 20.61 -41.71 51.51
C ILE B 320 20.63 -42.90 52.46
N GLU B 321 19.49 -43.59 52.59
CA GLU B 321 19.47 -44.81 53.38
C GLU B 321 20.48 -45.81 52.85
N ILE B 322 20.54 -45.96 51.52
CA ILE B 322 21.50 -46.87 50.90
C ILE B 322 22.92 -46.46 51.26
N LEU B 323 23.25 -45.17 51.10
CA LEU B 323 24.60 -44.70 51.36
C LEU B 323 24.98 -44.84 52.83
N SER B 324 23.98 -44.83 53.72
CA SER B 324 24.27 -44.62 55.14
C SER B 324 25.01 -45.80 55.75
N SER B 325 24.95 -46.97 55.13
CA SER B 325 25.73 -48.11 55.60
C SER B 325 27.13 -48.15 55.01
N LYS B 326 27.48 -47.17 54.19
CA LYS B 326 28.77 -47.15 53.51
C LYS B 326 29.73 -46.22 54.24
N LYS B 327 31.03 -46.54 54.18
CA LYS B 327 32.00 -45.72 54.90
C LYS B 327 32.13 -44.33 54.26
N GLU B 328 31.95 -44.27 52.94
CA GLU B 328 31.99 -43.02 52.19
C GLU B 328 30.94 -42.02 52.66
N PHE B 329 29.83 -42.50 53.21
CA PHE B 329 28.77 -41.61 53.71
C PHE B 329 29.31 -40.55 54.66
N GLN B 330 30.29 -40.92 55.49
CA GLN B 330 30.81 -39.99 56.50
C GLN B 330 31.50 -38.76 55.90
N GLU B 331 31.89 -38.79 54.62
CA GLU B 331 32.48 -37.62 53.98
C GLU B 331 31.46 -36.70 53.31
N MET B 332 30.18 -37.06 53.29
CA MET B 332 29.18 -36.35 52.53
C MET B 332 28.29 -35.52 53.45
N ARG B 333 27.83 -34.40 52.93
CA ARG B 333 26.88 -33.52 53.60
C ARG B 333 25.70 -33.31 52.68
N PHE B 334 24.50 -33.39 53.23
CA PHE B 334 23.27 -33.26 52.47
C PHE B 334 22.46 -32.11 53.04
N ILE B 335 21.95 -31.27 52.15
CA ILE B 335 21.06 -30.17 52.51
C ILE B 335 19.80 -30.32 51.70
N ILE B 336 18.68 -30.56 52.40
CA ILE B 336 17.42 -30.94 51.76
C ILE B 336 16.43 -29.85 52.10
N ILE B 337 15.98 -29.11 51.09
CA ILE B 337 15.17 -27.92 51.33
C ILE B 337 13.84 -28.12 50.64
N GLY B 338 12.76 -28.12 51.41
CA GLY B 338 11.43 -28.15 50.85
C GLY B 338 10.41 -28.52 51.91
N LYS B 339 9.16 -28.62 51.45
CA LYS B 339 8.00 -28.97 52.29
C LYS B 339 6.94 -29.59 51.38
N GLY B 340 6.05 -30.41 51.94
CA GLY B 340 5.03 -31.06 51.14
C GLY B 340 4.43 -32.28 51.80
N ASP B 341 4.53 -33.44 51.17
CA ASP B 341 3.97 -34.64 51.77
C ASP B 341 4.51 -34.82 53.19
N PRO B 342 3.64 -34.81 54.20
CA PRO B 342 4.15 -34.88 55.59
C PRO B 342 4.83 -36.20 55.88
N GLU B 343 4.42 -37.27 55.20
CA GLU B 343 5.10 -38.55 55.36
C GLU B 343 6.53 -38.47 54.85
N LEU B 344 6.76 -37.73 53.77
CA LEU B 344 8.11 -37.55 53.25
C LEU B 344 8.91 -36.59 54.14
N GLU B 345 8.25 -35.54 54.64
CA GLU B 345 8.88 -34.63 55.60
C GLU B 345 9.34 -35.38 56.86
N GLY B 346 8.52 -36.29 57.37
CA GLY B 346 8.92 -37.06 58.53
C GLY B 346 10.06 -38.02 58.24
N TRP B 347 10.07 -38.61 57.05
CA TRP B 347 11.21 -39.41 56.63
C TRP B 347 12.50 -38.59 56.62
N ALA B 348 12.47 -37.39 56.04
CA ALA B 348 13.68 -36.57 56.00
C ALA B 348 14.11 -36.19 57.41
N ARG B 349 13.15 -35.81 58.26
CA ARG B 349 13.49 -35.38 59.62
C ARG B 349 14.03 -36.53 60.46
N SER B 350 13.51 -37.75 60.24
CA SER B 350 14.07 -38.92 60.92
C SER B 350 15.53 -39.14 60.54
N LEU B 351 15.84 -38.99 59.26
CA LEU B 351 17.22 -39.12 58.79
C LEU B 351 18.10 -37.99 59.32
N GLU B 352 17.57 -36.77 59.34
CA GLU B 352 18.36 -35.68 59.91
C GLU B 352 18.67 -35.95 61.37
N GLU B 353 17.73 -36.54 62.09
CA GLU B 353 17.96 -36.88 63.49
C GLU B 353 18.97 -38.00 63.62
N LYS B 354 18.87 -39.00 62.72
CA LYS B 354 19.76 -40.14 62.84
C LYS B 354 21.19 -39.75 62.49
N HIS B 355 21.41 -38.80 61.56
CA HIS B 355 22.69 -38.56 60.89
C HIS B 355 23.05 -37.09 61.00
N GLY B 356 24.22 -36.82 61.61
CA GLY B 356 24.74 -35.47 61.76
C GLY B 356 25.06 -34.76 60.44
N ASN B 357 25.26 -35.50 59.37
CA ASN B 357 25.64 -34.95 58.07
C ASN B 357 24.46 -34.79 57.14
N VAL B 358 23.25 -34.77 57.69
CA VAL B 358 22.03 -34.55 56.93
C VAL B 358 21.30 -33.40 57.59
N LYS B 359 20.97 -32.37 56.80
CA LYS B 359 20.21 -31.23 57.27
C LYS B 359 18.96 -31.06 56.43
N VAL B 360 17.86 -30.69 57.08
CA VAL B 360 16.58 -30.54 56.42
C VAL B 360 16.08 -29.14 56.72
N ILE B 361 15.66 -28.43 55.69
CA ILE B 361 15.14 -27.07 55.81
C ILE B 361 13.74 -27.06 55.25
N THR B 362 12.76 -26.85 56.12
CA THR B 362 11.37 -26.70 55.74
C THR B 362 10.96 -25.24 55.70
N GLU B 363 11.89 -24.32 55.96
CA GLU B 363 11.55 -22.91 55.95
C GLU B 363 11.63 -22.36 54.53
N MET B 364 10.90 -21.28 54.30
CA MET B 364 10.91 -20.61 53.00
C MET B 364 12.19 -19.81 52.92
N LEU B 365 12.96 -19.95 51.84
CA LEU B 365 14.20 -19.20 51.68
C LEU B 365 14.01 -18.06 50.69
N SER B 366 14.67 -16.93 50.96
CA SER B 366 14.65 -15.81 50.02
C SER B 366 15.42 -16.20 48.76
N ARG B 367 15.17 -15.53 47.63
CA ARG B 367 15.99 -15.89 46.46
C ARG B 367 17.45 -15.56 46.68
N GLU B 368 17.74 -14.50 47.44
CA GLU B 368 19.15 -14.18 47.68
C GLU B 368 19.84 -15.28 48.47
N PHE B 369 19.13 -15.89 49.42
CA PHE B 369 19.68 -16.99 50.19
C PHE B 369 19.95 -18.21 49.31
N VAL B 370 18.98 -18.56 48.45
CA VAL B 370 19.16 -19.72 47.57
C VAL B 370 20.34 -19.53 46.64
N ARG B 371 20.52 -18.32 46.13
CA ARG B 371 21.66 -18.06 45.24
C ARG B 371 22.98 -18.28 45.97
N GLU B 372 23.05 -17.90 47.24
CA GLU B 372 24.25 -18.16 48.03
C GLU B 372 24.47 -19.65 48.21
N LEU B 373 23.40 -20.42 48.42
CA LEU B 373 23.51 -21.88 48.48
C LEU B 373 24.09 -22.43 47.18
N TYR B 374 23.51 -22.03 46.04
CA TYR B 374 24.02 -22.50 44.75
C TYR B 374 25.49 -22.15 44.61
N GLY B 375 25.90 -21.00 45.14
CA GLY B 375 27.27 -20.56 45.07
C GLY B 375 28.12 -21.17 46.16
N SER B 376 27.54 -21.92 47.10
CA SER B 376 28.37 -22.59 48.08
C SER B 376 28.48 -24.13 48.02
N VAL B 377 27.36 -24.81 47.73
CA VAL B 377 27.46 -26.25 47.58
C VAL B 377 28.31 -26.78 46.43
N ASP B 378 28.69 -28.05 46.53
CA ASP B 378 29.47 -28.69 45.46
C ASP B 378 28.57 -29.18 44.34
N PHE B 379 27.49 -29.87 44.69
CA PHE B 379 26.62 -30.53 43.73
C PHE B 379 25.16 -30.25 44.11
N VAL B 380 24.31 -30.15 43.10
CA VAL B 380 22.85 -30.09 43.31
C VAL B 380 22.24 -31.36 42.76
N ILE B 381 21.40 -32.00 43.58
CA ILE B 381 20.74 -33.25 43.22
C ILE B 381 19.32 -32.94 42.81
N ILE B 382 18.96 -33.33 41.59
CA ILE B 382 17.65 -33.04 41.00
C ILE B 382 17.04 -34.37 40.57
N PRO B 383 16.49 -35.17 41.49
CA PRO B 383 16.09 -36.53 41.15
C PRO B 383 14.66 -36.62 40.68
N SER B 384 14.28 -35.68 39.82
CA SER B 384 12.91 -35.58 39.33
C SER B 384 12.52 -36.85 38.56
N TYR B 385 11.24 -37.21 38.66
CA TYR B 385 10.67 -38.13 37.68
C TYR B 385 10.33 -37.41 36.38
N PHE B 386 9.92 -36.15 36.48
CA PHE B 386 9.39 -35.37 35.38
C PHE B 386 9.83 -33.92 35.57
N GLU B 387 10.44 -33.34 34.55
CA GLU B 387 10.98 -31.99 34.67
C GLU B 387 11.07 -31.33 33.32
N PRO B 388 9.93 -30.82 32.84
CA PRO B 388 9.86 -30.20 31.52
C PRO B 388 10.82 -29.03 31.32
N PHE B 389 11.09 -28.23 32.34
CA PHE B 389 11.84 -27.01 32.10
C PHE B 389 13.21 -27.00 32.75
N GLY B 390 13.31 -27.31 34.04
CA GLY B 390 14.62 -27.47 34.64
C GLY B 390 15.27 -26.19 35.10
N LEU B 391 14.53 -25.31 35.75
CA LEU B 391 15.11 -24.05 36.21
C LEU B 391 16.20 -24.26 37.25
N VAL B 392 16.05 -25.25 38.12
CA VAL B 392 17.09 -25.53 39.12
C VAL B 392 18.44 -25.76 38.45
N ALA B 393 18.48 -26.53 37.37
CA ALA B 393 19.77 -26.82 36.75
C ALA B 393 20.40 -25.55 36.18
N LEU B 394 19.62 -24.73 35.46
CA LEU B 394 20.16 -23.50 34.91
C LEU B 394 20.62 -22.57 36.03
N GLU B 395 19.79 -22.41 37.05
CA GLU B 395 20.13 -21.55 38.18
C GLU B 395 21.38 -22.05 38.89
N ALA B 396 21.41 -23.34 39.25
CA ALA B 396 22.55 -23.89 39.95
C ALA B 396 23.82 -23.80 39.11
N MET B 397 23.72 -24.17 37.84
CA MET B 397 24.90 -24.20 36.98
C MET B 397 25.46 -22.80 36.75
N CYS B 398 24.58 -21.81 36.60
CA CYS B 398 25.04 -20.42 36.46
C CYS B 398 25.91 -19.99 37.64
N LEU B 399 25.67 -20.55 38.82
CA LEU B 399 26.41 -20.19 40.03
C LEU B 399 27.51 -21.19 40.37
N GLY B 400 27.79 -22.12 39.46
CA GLY B 400 28.90 -23.03 39.60
C GLY B 400 28.62 -24.34 40.30
N ALA B 401 27.37 -24.58 40.72
CA ALA B 401 27.06 -25.86 41.33
C ALA B 401 26.85 -26.90 40.23
N ILE B 402 27.34 -28.11 40.47
CA ILE B 402 27.37 -29.16 39.45
C ILE B 402 26.13 -30.03 39.65
N PRO B 403 25.27 -30.19 38.65
CA PRO B 403 24.02 -30.91 38.86
C PRO B 403 24.16 -32.42 38.72
N ILE B 404 23.45 -33.14 39.59
CA ILE B 404 23.25 -34.58 39.48
C ILE B 404 21.75 -34.75 39.33
N ALA B 405 21.32 -35.15 38.14
CA ALA B 405 19.92 -35.02 37.78
C ALA B 405 19.47 -36.26 37.01
N SER B 406 18.18 -36.55 37.15
CA SER B 406 17.56 -37.58 36.32
C SER B 406 17.61 -37.15 34.86
N ALA B 407 17.84 -38.12 33.99
CA ALA B 407 17.88 -37.85 32.56
C ALA B 407 16.45 -37.88 32.04
N VAL B 408 15.73 -36.83 32.37
CA VAL B 408 14.38 -36.65 31.84
C VAL B 408 14.25 -35.25 31.30
N GLY B 409 13.44 -35.13 30.26
CA GLY B 409 12.91 -33.84 29.89
C GLY B 409 13.95 -32.76 29.71
N GLY B 410 13.65 -31.60 30.30
CA GLY B 410 14.58 -30.48 30.15
C GLY B 410 15.91 -30.67 30.84
N LEU B 411 15.97 -31.51 31.88
CA LEU B 411 17.24 -31.85 32.51
C LEU B 411 18.19 -32.54 31.54
N ARG B 412 17.66 -33.46 30.71
CA ARG B 412 18.48 -34.13 29.70
C ARG B 412 18.90 -33.18 28.59
N ASP B 413 18.09 -32.17 28.31
CA ASP B 413 18.47 -31.17 27.31
C ASP B 413 19.62 -30.30 27.78
N ILE B 414 19.66 -29.99 29.07
CA ILE B 414 20.61 -29.00 29.59
C ILE B 414 21.94 -29.66 29.89
N ILE B 415 21.91 -30.82 30.52
CA ILE B 415 23.09 -31.41 31.14
C ILE B 415 23.75 -32.32 30.10
N THR B 416 25.02 -32.06 29.80
CA THR B 416 25.85 -32.94 28.98
C THR B 416 26.87 -33.72 29.80
N ASN B 417 27.65 -34.53 29.10
CA ASN B 417 28.56 -35.48 29.75
C ASN B 417 29.72 -34.77 30.44
N GLU B 418 30.01 -33.53 30.05
CA GLU B 418 31.02 -32.73 30.70
C GLU B 418 30.49 -31.70 31.67
N THR B 419 29.18 -31.69 31.93
CA THR B 419 28.57 -30.62 32.73
C THR B 419 27.58 -31.15 33.77
N GLY B 420 27.71 -32.40 34.17
CA GLY B 420 26.89 -32.93 35.23
C GLY B 420 26.89 -34.45 35.18
N ILE B 421 26.11 -35.04 36.07
CA ILE B 421 25.93 -36.48 36.16
C ILE B 421 24.45 -36.79 35.98
N LEU B 422 24.13 -37.55 34.93
CA LEU B 422 22.77 -37.98 34.65
C LEU B 422 22.54 -39.37 35.24
N VAL B 423 21.34 -39.59 35.75
CA VAL B 423 20.94 -40.86 36.36
C VAL B 423 19.56 -41.29 35.87
N LYS B 424 19.31 -42.60 35.95
CA LYS B 424 17.97 -43.11 35.65
C LYS B 424 17.05 -42.42 36.66
N ALA B 425 15.94 -41.84 36.16
CA ALA B 425 14.98 -41.03 36.91
C ALA B 425 14.21 -41.70 38.06
N GLY B 426 13.96 -43.04 37.97
CA GLY B 426 13.40 -43.95 38.98
C GLY B 426 14.24 -44.75 39.98
N ASP B 427 15.54 -44.64 39.89
CA ASP B 427 16.41 -45.59 40.59
C ASP B 427 17.27 -45.06 41.76
N PRO B 428 16.88 -45.33 43.02
CA PRO B 428 17.64 -44.78 44.16
C PRO B 428 19.07 -45.30 44.21
N GLY B 429 19.30 -46.53 43.77
CA GLY B 429 20.64 -47.07 43.76
C GLY B 429 21.52 -46.36 42.75
N GLU B 430 20.95 -46.04 41.59
CA GLU B 430 21.64 -45.23 40.59
C GLU B 430 22.04 -43.89 41.17
N LEU B 431 21.11 -43.22 41.86
CA LEU B 431 21.45 -41.94 42.49
C LEU B 431 22.56 -42.10 43.52
N ALA B 432 22.52 -43.17 44.32
CA ALA B 432 23.58 -43.41 45.29
C ALA B 432 24.95 -43.57 44.61
N ASN B 433 25.04 -44.40 43.56
CA ASN B 433 26.29 -44.51 42.82
C ASN B 433 26.75 -43.19 42.25
N ALA B 434 25.81 -42.36 41.75
CA ALA B 434 26.22 -41.07 41.22
C ALA B 434 26.76 -40.17 42.32
N ILE B 435 26.11 -40.16 43.49
CA ILE B 435 26.63 -39.40 44.62
C ILE B 435 28.01 -39.88 45.03
N LEU B 436 28.21 -41.20 45.01
CA LEU B 436 29.53 -41.74 45.32
C LEU B 436 30.57 -41.31 44.29
N LYS B 437 30.19 -41.31 43.00
CA LYS B 437 31.11 -40.85 41.97
C LYS B 437 31.46 -39.39 42.15
N ALA B 438 30.48 -38.57 42.55
CA ALA B 438 30.72 -37.17 42.81
C ALA B 438 31.68 -36.96 43.98
N LEU B 439 31.55 -37.76 45.03
CA LEU B 439 32.53 -37.68 46.12
C LEU B 439 33.95 -37.88 45.59
N GLU B 440 34.16 -38.89 44.75
CA GLU B 440 35.50 -39.17 44.24
C GLU B 440 35.99 -38.06 43.32
N LEU B 441 35.11 -37.56 42.45
CA LEU B 441 35.44 -36.38 41.67
C LEU B 441 35.88 -35.24 42.58
N SER B 442 35.19 -35.07 43.70
CA SER B 442 35.45 -33.97 44.61
C SER B 442 36.80 -34.11 45.30
N ARG B 443 37.45 -35.29 45.21
CA ARG B 443 38.79 -35.43 45.75
C ARG B 443 39.83 -34.66 44.95
N SER B 444 39.44 -34.11 43.80
CA SER B 444 40.34 -33.32 42.98
C SER B 444 39.71 -31.96 42.72
N ASP B 445 40.50 -31.06 42.15
CA ASP B 445 40.00 -29.76 41.73
C ASP B 445 38.78 -29.91 40.82
N LEU B 446 37.69 -29.23 41.18
CA LEU B 446 36.46 -29.27 40.41
C LEU B 446 36.27 -27.99 39.58
N SER B 447 37.27 -27.12 39.53
CA SER B 447 37.08 -25.80 38.93
C SER B 447 36.61 -25.96 37.49
N LYS B 448 37.28 -26.81 36.72
CA LYS B 448 36.94 -26.91 35.30
C LYS B 448 35.53 -27.46 35.13
N PHE B 449 35.15 -28.41 35.97
CA PHE B 449 33.77 -28.88 35.95
C PHE B 449 32.81 -27.70 36.17
N ARG B 450 33.11 -26.88 37.18
CA ARG B 450 32.26 -25.74 37.52
C ARG B 450 32.20 -24.73 36.37
N GLU B 451 33.33 -24.53 35.68
CA GLU B 451 33.35 -23.60 34.54
C GLU B 451 32.51 -24.13 33.39
N ASN B 452 32.65 -25.41 33.08
CA ASN B 452 31.79 -26.07 32.10
C ASN B 452 30.32 -25.82 32.37
N CYS B 453 29.87 -25.99 33.61
CA CYS B 453 28.46 -25.74 33.91
C CYS B 453 28.06 -24.31 33.56
N LYS B 454 28.82 -23.31 34.04
CA LYS B 454 28.48 -21.93 33.74
C LYS B 454 28.37 -21.70 32.23
N LYS B 455 29.36 -22.17 31.47
CA LYS B 455 29.35 -21.94 30.03
C LYS B 455 28.17 -22.62 29.35
N ARG B 456 27.86 -23.84 29.78
CA ARG B 456 26.74 -24.56 29.21
C ARG B 456 25.42 -23.85 29.51
N ALA B 457 25.27 -23.31 30.73
CA ALA B 457 24.01 -22.62 31.05
C ALA B 457 23.86 -21.34 30.24
N MET B 458 24.93 -20.58 30.06
CA MET B 458 24.83 -19.41 29.19
C MET B 458 24.49 -19.82 27.76
N SER B 459 25.13 -20.87 27.26
CA SER B 459 24.85 -21.30 25.89
C SER B 459 23.41 -21.77 25.74
N PHE B 460 22.87 -22.49 26.73
CA PHE B 460 21.45 -22.86 26.69
C PHE B 460 20.52 -21.64 26.69
N SER B 461 20.80 -20.65 27.54
CA SER B 461 19.99 -19.43 27.56
C SER B 461 19.99 -18.72 26.20
N LYS B 462 21.15 -18.55 25.60
CA LYS B 462 21.17 -18.06 24.21
C LYS B 462 20.34 -18.97 23.30
N GLN B 463 20.39 -20.30 23.50
CA GLN B 463 19.64 -21.20 22.63
C GLN B 463 18.13 -21.01 22.76
N ILE B 464 17.66 -20.84 23.99
CA ILE B 464 16.27 -20.50 24.26
C ILE B 464 15.92 -19.22 23.55
N ARG B 465 16.85 -18.26 23.67
CA ARG B 465 16.61 -16.96 23.03
C ARG B 465 16.44 -17.11 21.51
N ALA B 466 17.24 -17.96 20.87
CA ALA B 466 17.13 -18.15 19.43
C ALA B 466 15.77 -18.78 19.09
N ARG B 467 15.33 -19.72 19.92
CA ARG B 467 14.03 -20.35 19.73
C ARG B 467 12.92 -19.32 19.89
N ARG B 468 13.11 -18.37 20.82
CA ARG B 468 12.16 -17.27 20.96
C ARG B 468 12.09 -16.40 19.71
N LYS B 469 13.24 -16.06 19.11
CA LYS B 469 13.18 -15.20 17.93
C LYS B 469 12.44 -15.89 16.79
N THR B 470 12.70 -17.17 16.57
CA THR B 470 12.03 -17.89 15.50
C THR B 470 10.53 -17.98 15.75
N ALA B 471 10.13 -18.33 16.98
CA ALA B 471 8.71 -18.41 17.29
C ALA B 471 8.00 -17.07 17.15
N ARG B 472 8.63 -15.98 17.59
CA ARG B 472 8.01 -14.67 17.44
C ARG B 472 7.83 -14.31 15.96
N MET B 473 8.84 -14.58 15.14
CA MET B 473 8.70 -14.31 13.71
C MET B 473 7.54 -15.10 13.12
N LEU B 474 7.42 -16.37 13.51
CA LEU B 474 6.37 -17.21 12.94
C LEU B 474 4.99 -16.74 13.37
N MET B 475 4.85 -16.28 14.62
CA MET B 475 3.58 -15.73 15.08
C MET B 475 3.22 -14.44 14.35
N VAL B 476 4.22 -13.61 14.04
CA VAL B 476 3.95 -12.40 13.26
C VAL B 476 3.45 -12.77 11.86
N VAL B 477 4.09 -13.74 11.21
CA VAL B 477 3.61 -14.19 9.91
C VAL B 477 2.16 -14.62 9.99
N VAL B 478 1.81 -15.41 11.02
CA VAL B 478 0.45 -15.90 11.18
C VAL B 478 -0.51 -14.75 11.43
N LEU B 479 -0.13 -13.81 12.29
CA LEU B 479 -0.98 -12.65 12.56
C LEU B 479 -1.22 -11.86 11.28
N VAL B 480 -0.18 -11.68 10.46
CA VAL B 480 -0.33 -10.91 9.23
C VAL B 480 -1.23 -11.66 8.25
N PHE B 481 -1.16 -13.00 8.27
CA PHE B 481 -2.07 -13.78 7.45
C PHE B 481 -3.51 -13.58 7.90
N ALA B 482 -3.77 -13.67 9.20
CA ALA B 482 -5.13 -13.48 9.73
C ALA B 482 -5.70 -12.13 9.32
N ILE B 483 -4.89 -11.07 9.39
CA ILE B 483 -5.36 -9.72 9.05
C ILE B 483 -5.60 -9.60 7.55
N CYS B 484 -4.64 -10.03 6.74
CA CYS B 484 -4.74 -9.80 5.30
C CYS B 484 -5.92 -10.56 4.70
N TYR B 485 -6.31 -11.69 5.28
CA TYR B 485 -7.37 -12.50 4.72
C TYR B 485 -8.69 -12.32 5.44
N ALA B 486 -8.72 -11.55 6.52
CA ALA B 486 -9.97 -11.24 7.22
C ALA B 486 -11.00 -10.53 6.35
N PRO B 487 -10.67 -9.44 5.65
CA PRO B 487 -11.72 -8.71 4.92
C PRO B 487 -12.38 -9.52 3.81
N ILE B 488 -11.59 -10.16 2.95
CA ILE B 488 -12.17 -10.96 1.87
C ILE B 488 -12.99 -12.10 2.45
N SER B 489 -12.54 -12.65 3.58
CA SER B 489 -13.25 -13.77 4.18
C SER B 489 -14.61 -13.34 4.71
N ILE B 490 -14.70 -12.16 5.33
CA ILE B 490 -15.98 -11.73 5.85
C ILE B 490 -16.88 -11.30 4.69
N LEU B 491 -16.31 -10.59 3.72
CA LEU B 491 -17.10 -10.24 2.55
C LEU B 491 -17.63 -11.47 1.82
N ASN B 492 -16.79 -12.50 1.67
CA ASN B 492 -17.22 -13.71 0.97
C ASN B 492 -18.32 -14.44 1.70
N VAL B 493 -18.23 -14.52 3.03
CA VAL B 493 -19.25 -15.18 3.80
C VAL B 493 -20.56 -14.39 3.73
N LEU B 494 -20.45 -13.07 3.90
CA LEU B 494 -21.64 -12.22 3.86
C LEU B 494 -22.34 -12.33 2.51
N LYS B 495 -21.55 -12.37 1.43
CA LYS B 495 -22.12 -12.41 0.08
C LYS B 495 -22.71 -13.79 -0.23
N ARG B 496 -21.98 -14.85 0.06
CA ARG B 496 -22.34 -16.16 -0.46
C ARG B 496 -23.18 -16.98 0.52
N VAL B 497 -22.99 -16.77 1.82
CA VAL B 497 -23.74 -17.50 2.84
C VAL B 497 -24.98 -16.73 3.26
N PHE B 498 -24.85 -15.41 3.41
CA PHE B 498 -25.92 -14.58 3.94
C PHE B 498 -26.63 -13.74 2.87
N GLY B 499 -26.24 -13.87 1.60
CA GLY B 499 -26.93 -13.24 0.49
C GLY B 499 -26.93 -11.73 0.45
N MET B 500 -25.99 -11.09 1.16
CA MET B 500 -25.78 -9.64 1.13
C MET B 500 -25.35 -9.17 -0.27
N PHE B 501 -25.39 -7.84 -0.44
CA PHE B 501 -24.94 -7.08 -1.61
C PHE B 501 -25.75 -7.32 -2.88
N ALA B 502 -26.90 -7.99 -2.80
CA ALA B 502 -27.72 -8.20 -3.98
C ALA B 502 -28.18 -6.85 -4.54
N HIS B 503 -28.95 -6.12 -3.74
CA HIS B 503 -29.35 -4.75 -4.03
C HIS B 503 -28.24 -3.87 -4.58
N THR B 504 -28.59 -3.18 -5.67
CA THR B 504 -27.68 -2.26 -6.39
C THR B 504 -27.69 -0.91 -5.70
N GLU B 505 -28.60 -0.69 -4.76
CA GLU B 505 -28.55 0.63 -4.11
C GLU B 505 -27.24 0.68 -3.35
N ASP B 506 -26.40 1.65 -3.68
CA ASP B 506 -25.05 1.81 -3.09
C ASP B 506 -24.19 0.56 -3.26
N ARG B 507 -24.10 0.05 -4.49
CA ARG B 507 -23.20 -1.10 -4.80
C ARG B 507 -21.82 -0.56 -5.18
N GLU B 508 -21.68 0.76 -5.30
CA GLU B 508 -20.39 1.41 -5.63
C GLU B 508 -19.37 1.22 -4.49
N THR B 509 -19.83 1.24 -3.25
CA THR B 509 -18.94 1.11 -2.07
C THR B 509 -18.64 -0.36 -1.81
N VAL B 510 -19.61 -1.24 -2.05
CA VAL B 510 -19.35 -2.66 -1.86
C VAL B 510 -18.27 -3.14 -2.84
N TYR B 511 -18.34 -2.69 -4.10
CA TYR B 511 -17.32 -3.12 -5.06
C TYR B 511 -15.96 -2.61 -4.61
N ALA B 512 -15.93 -1.40 -4.04
CA ALA B 512 -14.68 -0.83 -3.54
C ALA B 512 -14.12 -1.68 -2.40
N TRP B 513 -15.00 -2.14 -1.49
CA TRP B 513 -14.56 -2.99 -0.39
C TRP B 513 -13.93 -4.28 -0.90
N PHE B 514 -14.52 -4.88 -1.93
CA PHE B 514 -13.94 -6.09 -2.50
C PHE B 514 -12.58 -5.82 -3.13
N ALA B 515 -12.42 -4.72 -3.85
CA ALA B 515 -11.14 -4.44 -4.49
C ALA B 515 -10.04 -4.22 -3.46
N PHE B 516 -10.32 -3.49 -2.38
CA PHE B 516 -9.33 -3.39 -1.32
C PHE B 516 -8.99 -4.76 -0.74
N SER B 517 -10.02 -5.59 -0.52
CA SER B 517 -9.78 -6.90 0.10
C SER B 517 -8.95 -7.81 -0.81
N HIS B 518 -9.16 -7.75 -2.12
CA HIS B 518 -8.32 -8.54 -3.02
C HIS B 518 -6.88 -8.05 -2.96
N TRP B 519 -6.68 -6.74 -3.04
CA TRP B 519 -5.33 -6.20 -2.98
C TRP B 519 -4.65 -6.66 -1.68
N LEU B 520 -5.38 -6.59 -0.57
CA LEU B 520 -4.81 -6.95 0.72
C LEU B 520 -4.37 -8.41 0.74
N VAL B 521 -5.08 -9.26 0.02
CA VAL B 521 -4.66 -10.66 -0.10
C VAL B 521 -3.30 -10.76 -0.77
N TYR B 522 -3.14 -10.08 -1.91
CA TYR B 522 -1.86 -10.12 -2.60
C TYR B 522 -0.76 -9.44 -1.79
N ALA B 523 -1.12 -8.43 -0.99
CA ALA B 523 -0.11 -7.75 -0.19
C ALA B 523 0.53 -8.70 0.82
N ASN B 524 -0.22 -9.73 1.25
CA ASN B 524 0.34 -10.73 2.14
C ASN B 524 1.55 -11.41 1.52
N SER B 525 1.46 -11.76 0.24
CA SER B 525 2.61 -12.37 -0.44
C SER B 525 3.84 -11.45 -0.38
N ALA B 526 3.64 -10.14 -0.52
CA ALA B 526 4.77 -9.22 -0.43
C ALA B 526 5.27 -9.06 1.00
N ALA B 527 4.38 -9.20 1.99
CA ALA B 527 4.76 -8.90 3.36
C ALA B 527 5.67 -9.97 3.95
N ASN B 528 5.47 -11.24 3.59
CA ASN B 528 6.21 -12.31 4.25
C ASN B 528 7.71 -12.14 4.15
N PRO B 529 8.30 -11.93 2.96
CA PRO B 529 9.74 -11.66 2.90
C PRO B 529 10.16 -10.45 3.71
N ILE B 530 9.32 -9.41 3.76
CA ILE B 530 9.66 -8.24 4.57
C ILE B 530 9.70 -8.61 6.05
N ILE B 531 8.78 -9.47 6.49
CA ILE B 531 8.80 -9.92 7.87
C ILE B 531 10.08 -10.69 8.16
N TYR B 532 10.46 -11.61 7.27
CA TYR B 532 11.69 -12.36 7.51
C TYR B 532 12.89 -11.42 7.58
N ASN B 533 12.91 -10.37 6.76
CA ASN B 533 14.03 -9.43 6.77
C ASN B 533 14.12 -8.69 8.09
N PHE B 534 12.98 -8.27 8.65
CA PHE B 534 13.04 -7.50 9.88
C PHE B 534 13.21 -8.40 11.11
N LEU B 535 12.68 -9.62 11.08
CA LEU B 535 12.65 -10.48 12.25
C LEU B 535 13.56 -11.70 12.17
N SER B 536 14.36 -11.86 11.11
CA SER B 536 15.31 -12.96 11.02
C SER B 536 16.65 -12.45 10.55
N GLY B 537 17.66 -12.55 11.42
CA GLY B 537 18.99 -12.15 11.01
C GLY B 537 19.60 -12.99 9.91
N LYS B 538 19.27 -14.28 9.86
CA LYS B 538 19.82 -15.10 8.79
C LYS B 538 19.23 -14.75 7.43
N PHE B 539 17.91 -14.60 7.36
CA PHE B 539 17.31 -14.14 6.10
C PHE B 539 17.82 -12.74 5.75
N ARG B 540 17.95 -11.86 6.73
CA ARG B 540 18.38 -10.50 6.42
C ARG B 540 19.76 -10.52 5.73
N GLU B 541 20.68 -11.30 6.27
CA GLU B 541 22.00 -11.41 5.67
C GLU B 541 21.94 -11.97 4.25
N GLU B 542 21.10 -12.99 4.02
CA GLU B 542 21.03 -13.55 2.68
C GLU B 542 20.35 -12.58 1.73
N PHE B 543 19.36 -11.83 2.23
CA PHE B 543 18.77 -10.76 1.43
C PHE B 543 19.84 -9.74 1.08
N LYS B 544 20.65 -9.34 2.07
CA LYS B 544 21.73 -8.39 1.82
C LYS B 544 22.72 -8.96 0.82
N ALA B 545 23.03 -10.25 0.93
CA ALA B 545 23.91 -10.90 -0.05
C ALA B 545 23.32 -10.76 -1.45
N ALA B 546 22.01 -10.93 -1.58
CA ALA B 546 21.35 -10.79 -2.86
C ALA B 546 21.52 -9.38 -3.40
N PHE B 547 21.19 -8.37 -2.59
CA PHE B 547 21.30 -6.99 -3.09
C PHE B 547 22.71 -6.55 -3.48
N SER B 548 23.72 -7.09 -2.90
CA SER B 548 25.09 -6.72 -3.23
C SER B 548 25.56 -7.46 -4.49
N TRP B 549 25.01 -8.66 -4.69
CA TRP B 549 25.37 -9.43 -5.86
C TRP B 549 24.80 -8.80 -7.11
N TRP B 550 23.66 -8.15 -6.99
CA TRP B 550 22.98 -7.58 -8.15
C TRP B 550 23.45 -6.14 -8.32
N TRP B 551 23.13 -5.24 -7.38
CA TRP B 551 23.58 -3.86 -7.58
C TRP B 551 25.10 -3.75 -7.53
N LEU B 552 25.74 -4.48 -6.63
CA LEU B 552 27.17 -4.28 -6.44
C LEU B 552 28.02 -5.27 -7.22
N GLY B 553 27.50 -6.45 -7.51
CA GLY B 553 28.32 -7.48 -8.12
C GLY B 553 29.21 -8.22 -7.15
N VAL B 554 28.96 -8.12 -5.85
CA VAL B 554 29.80 -8.76 -4.85
C VAL B 554 29.30 -10.19 -4.64
N HIS B 555 30.16 -11.16 -4.96
CA HIS B 555 29.77 -12.56 -4.85
C HIS B 555 29.72 -13.02 -3.40
N HIS B 556 30.62 -12.50 -2.57
CA HIS B 556 30.79 -12.97 -1.20
C HIS B 556 29.66 -12.47 -0.29
C1 OLA C . 1.84 34.67 -10.72
O1 OLA C . 0.77 35.29 -10.85
O2 OLA C . 2.20 33.74 -11.47
C2 OLA C . 2.77 35.07 -9.58
C3 OLA C . 2.97 34.00 -8.55
C4 OLA C . 2.84 34.54 -7.14
C5 OLA C . 4.15 34.86 -6.43
C6 OLA C . 3.95 35.54 -5.09
C1 SUV D . 11.69 17.07 7.34
N1 SUV D . 11.80 16.01 6.47
O1 SUV D . 10.49 17.75 7.42
CL1 SUV D . 12.19 21.51 11.49
N2 SUV D . 12.61 17.52 8.14
O2 SUV D . 14.16 17.88 3.38
C3 SUV D . 12.01 18.59 8.82
N3 SUV D . 12.42 16.58 3.95
C4 SUV D . 12.49 19.45 9.79
N4 SUV D . 10.87 18.63 1.82
C5 SUV D . 11.63 20.41 10.27
N5 SUV D . 9.71 18.64 1.16
C6 SUV D . 10.32 20.53 9.81
N6 SUV D . 11.83 17.95 1.19
C7 SUV D . 9.84 19.68 8.84
C8 SUV D . 10.71 18.73 8.37
C11 SUV D . 10.73 15.76 5.49
C12 SUV D . 10.96 16.45 4.16
C14 SUV D . 13.31 15.40 4.08
C15 SUV D . 12.99 14.38 5.16
C16 SUV D . 12.93 15.09 6.48
C17 SUV D . 12.97 17.77 3.70
C19 SUV D . 12.12 18.98 3.90
C20 SUV D . 11.10 19.36 3.03
C21 SUV D . 10.30 20.45 3.34
C22 SUV D . 10.52 21.15 4.51
C23 SUV D . 11.53 20.79 5.41
C24 SUV D . 12.31 19.69 5.09
C27 SUV D . 9.93 17.90 0.08
C28 SUV D . 11.24 17.46 0.09
C29 SUV D . 11.77 21.56 6.68
C30 SUV D . 13.55 14.76 2.73
H1 SUV D . 13.36 19.38 10.11
H2 SUV D . 9.76 21.21 10.16
H3 SUV D . 8.95 19.74 8.52
H4 SUV D . 10.65 14.80 5.35
H5 SUV D . 9.88 16.08 5.87
H6 SUV D . 10.56 15.93 3.44
H7 SUV D . 10.55 17.34 4.16
H8 SUV D . 14.15 15.77 4.43
H9 SUV D . 13.67 13.67 5.18
H10 SUV D . 12.13 13.94 4.97
H11 SUV D . 12.82 14.44 7.21
H12 SUV D . 13.77 15.58 6.64
H13 SUV D . 9.60 20.71 2.76
H14 SUV D . 9.98 21.90 4.72
H15 SUV D . 12.97 19.41 5.70
H16 SUV D . 9.28 17.70 -0.58
H17 SUV D . 11.66 16.92 -0.55
H18 SUV D . 12.39 21.08 7.24
H19 SUV D . 10.92 21.67 7.15
H20 SUV D . 12.14 22.43 6.47
H21 SUV D . 14.26 14.11 2.79
H22 SUV D . 13.80 15.45 2.08
H23 SUV D . 12.73 14.32 2.42
N NH4 E . -27.05 9.84 -40.05
HN1 NH4 E . -26.44 8.99 -40.07
HN2 NH4 E . -26.74 10.48 -39.29
HN3 NH4 E . -26.97 10.33 -40.96
HN4 NH4 E . -28.04 9.57 -39.89
C1 OLA F . -19.29 9.05 -30.75
O1 OLA F . -18.27 9.12 -30.05
O2 OLA F . -19.27 8.82 -31.98
C2 OLA F . -20.64 9.23 -30.08
C3 OLA F . -21.57 8.06 -30.24
C4 OLA F . -23.03 8.46 -30.17
C5 OLA F . -23.88 7.82 -31.25
C6 OLA F . -24.49 8.78 -32.24
C7 OLA F . -25.72 9.51 -31.74
C8 OLA F . -26.88 8.62 -31.42
C9 OLA F . -28.10 9.36 -30.96
C1 OLA G . -12.94 24.09 -43.91
O1 OLA G . -13.85 23.90 -43.09
O2 OLA G . -12.54 25.21 -44.27
C2 OLA G . -12.28 22.87 -44.53
C3 OLA G . -12.88 22.43 -45.83
C4 OLA G . -12.16 21.23 -46.43
C5 OLA G . -12.75 20.75 -47.73
N NH4 H . -12.52 23.81 -49.09
HN1 NH4 H . -12.15 23.01 -49.65
HN2 NH4 H . -12.10 23.79 -48.14
HN3 NH4 H . -12.27 24.70 -49.56
HN4 NH4 H . -13.55 23.73 -49.01
C6 OLA I . -10.31 21.28 -51.24
C7 OLA I . -10.84 20.31 -50.19
C8 OLA I . -9.77 19.51 -49.50
C9 OLA I . -10.30 18.59 -48.46
C10 OLA I . -9.56 17.80 -47.71
C11 OLA I . -8.08 17.64 -47.77
C1 OLA J . 28.92 31.79 -2.50
O1 OLA J . 28.24 31.79 -3.55
O2 OLA J . 30.06 31.29 -2.42
C2 OLA J . 28.33 32.43 -1.25
C3 OLA J . 27.05 31.83 -0.77
C4 OLA J . 26.52 32.51 0.48
C5 OLA J . 25.22 31.92 1.01
C6 OLA J . 24.73 32.53 2.30
C7 OLA J . 25.75 32.50 3.44
C1 OLA K . -7.21 33.64 10.02
O1 OLA K . -5.96 33.63 10.00
O2 OLA K . -7.90 32.68 10.43
C2 OLA K . -7.94 34.86 9.51
C3 OLA K . -9.00 34.60 8.50
C4 OLA K . -9.73 35.87 8.07
C5 OLA K . -10.91 35.61 7.16
C6 OLA K . -11.65 36.85 6.73
C1 OLA L . -10.79 44.82 13.34
O1 OLA L . -11.69 45.38 12.68
O2 OLA L . -9.63 45.30 13.46
C2 OLA L . -11.09 43.48 13.99
C3 OLA L . -12.41 43.38 14.70
C4 OLA L . -13.10 42.04 14.47
C5 OLA L . -14.54 41.98 14.94
C6 OLA L . -15.33 40.80 14.43
C7 OLA L . -15.51 40.74 12.92
C8 OLA L . -16.33 41.86 12.34
C9 OLA L . -16.52 41.73 10.86
C13 OLA M . 3.34 0.66 7.03
C14 OLA M . 4.55 0.97 6.19
C15 OLA M . 4.26 1.31 4.75
C16 OLA M . 5.47 1.61 3.91
C17 OLA M . 5.17 1.94 2.48
C18 OLA M . 6.40 2.24 1.65
C12 OLA N . -16.85 9.26 2.70
C13 OLA N . -16.44 8.59 4.00
C14 OLA N . -15.21 7.73 3.89
C15 OLA N . -15.00 6.84 5.07
C16 OLA N . -13.91 5.81 4.88
C17 OLA N . -13.68 4.99 6.11
C18 OLA N . -12.49 4.07 6.03
C4 OLA O . 1.61 24.09 -22.75
C5 OLA O . 2.75 23.41 -22.03
C6 OLA O . 2.33 22.45 -20.95
C7 OLA O . 1.34 23.03 -19.94
C8 OLA O . 1.27 22.30 -18.63
C9 OLA O . 2.58 22.32 -17.90
C10 OLA O . 2.83 22.90 -16.75
C11 OLA O . 4.20 23.08 -16.17
C12 OLA O . 5.28 22.50 -17.02
C13 OLA O . 6.70 22.83 -16.57
C14 OLA O . 6.97 22.50 -15.12
C15 OLA O . 6.78 21.04 -14.76
C16 OLA O . 7.66 20.07 -15.51
C17 OLA O . 7.62 18.66 -14.99
C18 OLA O . 8.39 17.65 -15.80
C1 OLA P . -6.39 42.98 -5.98
O1 OLA P . -5.61 43.49 -6.82
O2 OLA P . -7.34 42.23 -6.29
C2 OLA P . -6.17 43.29 -4.51
C3 OLA P . -4.76 43.19 -4.03
C4 OLA P . -4.16 41.81 -4.22
C5 OLA P . -2.86 41.60 -3.49
C6 OLA P . -2.23 40.24 -3.73
C7 OLA P . -3.22 39.09 -3.59
C8 OLA P . -3.93 39.04 -2.28
C9 OLA P . -5.17 38.18 -2.33
C10 OLA P . -5.50 37.17 -1.56
C11 OLA P . -4.74 36.61 -0.40
C12 OLA P . -5.46 35.50 0.28
C1 OLA Q . 24.21 6.13 -6.29
O1 OLA Q . 24.80 6.49 -7.33
O2 OLA Q . 24.73 6.15 -5.16
C2 OLA Q . 22.78 5.63 -6.42
C3 OLA Q . 22.60 4.46 -7.31
C4 OLA Q . 21.15 3.99 -7.38
C12 OLA R . 0.97 9.35 -10.35
C13 OLA R . 1.52 8.30 -9.42
C14 OLA R . 2.70 8.75 -8.60
C15 OLA R . 3.07 7.80 -7.49
C16 OLA R . 1.98 7.55 -6.48
C17 OLA R . 2.33 6.63 -5.36
O1 PG4 S . 17.90 18.39 10.81
C1 PG4 S . 18.47 18.56 9.53
C2 PG4 S . 19.79 17.86 9.42
O2 PG4 S . 20.43 18.18 8.18
C3 PG4 S . 20.77 19.56 8.08
C4 PG4 S . 21.01 19.94 6.64
O3 PG4 S . 22.11 19.23 6.10
C5 PG4 S . 23.03 20.10 5.42
C6 PG4 S . 23.96 19.28 4.61
O4 PG4 S . 24.48 18.20 5.40
C7 PG4 S . 25.03 17.17 4.60
C8 PG4 S . 25.46 16.02 5.45
O5 PG4 S . 25.67 14.84 4.70
C1 SUV T . -11.50 -16.26 -7.32
N1 SUV T . -12.10 -17.16 -6.49
O1 SUV T . -10.12 -16.34 -7.47
CL1 SUV T . -9.74 -12.04 -11.32
N2 SUV T . -12.07 -15.35 -8.02
O2 SUV T . -13.02 -14.33 -3.42
C3 SUV T . -11.03 -14.75 -8.73
N3 SUV T . -12.20 -16.33 -4.03
C4 SUV T . -11.02 -13.71 -9.64
N4 SUV T . -9.81 -15.19 -1.83
C5 SUV T . -9.80 -13.35 -10.16
N5 SUV T . -8.79 -15.59 -1.07
C6 SUV T . -8.60 -13.98 -9.82
N6 SUV T . -11.00 -15.45 -1.27
C7 SUV T . -8.62 -15.01 -8.90
C8 SUV T . -9.84 -15.37 -8.38
C11 SUV T . -11.24 -17.91 -5.56
C12 SUV T . -11.02 -17.19 -4.23
C14 SUV T . -13.59 -16.85 -4.22
C15 SUV T . -13.83 -18.05 -5.12
C16 SUV T . -13.51 -17.53 -6.53
C17 SUV T . -12.05 -15.01 -3.75
C19 SUV T . -10.71 -14.36 -3.95
C20 SUV T . -9.65 -14.48 -3.06
C21 SUV T . -8.44 -13.87 -3.37
C22 SUV T . -8.30 -13.17 -4.55
C23 SUV T . -9.34 -13.05 -5.47
C24 SUV T . -10.54 -13.67 -5.15
C27 SUV T . -9.34 -16.16 -0.01
C28 SUV T . -10.71 -16.07 -0.13
C29 SUV T . -9.18 -12.30 -6.76
C30 SUV T . -14.31 -16.82 -2.87
H1 SUV T . -11.80 -13.27 -9.89
H2 SUV T . -7.79 -13.70 -10.20
H3 SUV T . -7.82 -15.45 -8.63
H4 SUV T . -11.65 -18.78 -5.38
H5 SUV T . -10.37 -18.07 -5.98
H6 SUV T . -10.93 -17.83 -3.50
H7 SUV T . -10.21 -16.64 -4.27
H8 SUV T . -14.05 -16.22 -4.84
H9 SUV T . -14.76 -18.36 -5.06
H10 SUV T . -13.25 -18.80 -4.87
H11 SUV T . -13.67 -18.22 -7.20
H12 SUV T . -14.06 -16.76 -6.75
H13 SUV T . -7.71 -13.94 -2.77
H14 SUV T . -7.47 -12.75 -4.74
H15 SUV T . -11.26 -13.61 -5.77
H16 SUV T . -8.87 -16.56 0.71
H17 SUV T . -11.36 -16.40 0.47
H18 SUV T . -10.03 -12.30 -7.25
H19 SUV T . -8.50 -12.72 -7.30
H20 SUV T . -8.93 -11.38 -6.58
H21 SUV T . -15.24 -17.08 -3.00
H22 SUV T . -14.27 -15.93 -2.51
H23 SUV T . -13.88 -17.44 -2.27
N NH4 U . 12.38 -22.85 40.04
HN1 NH4 U . 12.65 -23.81 39.72
HN2 NH4 U . 12.82 -22.66 40.97
HN3 NH4 U . 12.71 -22.15 39.34
HN4 NH4 U . 11.34 -22.79 40.13
N NH4 V . 11.81 -17.91 36.49
HN1 NH4 V . 12.07 -18.87 36.17
HN2 NH4 V . 12.27 -17.71 37.40
HN3 NH4 V . 12.14 -17.21 35.77
HN4 NH4 V . 10.78 -17.84 36.59
N NH4 W . 13.70 -22.35 43.81
HN1 NH4 W . 13.97 -23.31 43.50
HN2 NH4 W . 14.14 -22.15 44.74
HN3 NH4 W . 14.02 -21.65 43.12
HN4 NH4 W . 12.66 -22.29 43.91
C1 OLA X . 33.49 -15.21 53.11
O1 OLA X . 32.32 -14.91 52.81
O2 OLA X . 34.41 -15.35 52.26
C2 OLA X . 33.83 -15.45 54.57
C3 OLA X . 34.40 -16.80 54.87
C4 OLA X . 34.58 -17.04 56.36
C1 OLA Y . 5.47 -29.86 28.71
O1 OLA Y . 5.16 -29.43 27.58
O2 OLA Y . 6.05 -30.95 28.90
C2 OLA Y . 5.08 -29.04 29.92
C3 OLA Y . 3.60 -28.85 30.11
C4 OLA Y . 3.27 -28.12 31.40
C5 OLA Y . 1.78 -27.95 31.63
C12 OLA Z . 9.01 -24.30 43.74
C13 OLA Z . 7.98 -23.35 43.12
C14 OLA Z . 7.33 -23.89 41.88
C15 OLA Z . 6.29 -22.97 41.28
C16 OLA Z . 5.14 -22.66 42.20
C1 OLA AA . 9.05 -38.01 -4.02
O1 OLA AA . 8.73 -37.60 -5.15
O2 OLA AA . 10.11 -38.63 -3.78
C2 OLA AA . 8.12 -37.71 -2.85
C3 OLA AA . 6.75 -38.31 -2.97
C4 OLA AA . 5.85 -37.93 -1.81
C5 OLA AA . 4.45 -38.52 -1.90
C6 OLA AA . 3.53 -38.12 -0.78
C7 OLA AA . 4.05 -38.43 0.61
C1 OLA BA . -11.99 -25.45 -20.43
O1 OLA BA . -10.98 -24.78 -20.73
O2 OLA BA . -12.68 -25.23 -19.42
C2 OLA BA . -12.42 -26.57 -21.36
C3 OLA BA . -11.34 -27.55 -21.69
C4 OLA BA . -11.81 -28.65 -22.64
C12 OLA CA . -1.38 6.07 -11.94
C13 OLA CA . -0.24 5.06 -11.89
C14 OLA CA . 1.12 5.63 -12.19
C15 OLA CA . 2.24 4.62 -12.19
C16 OLA CA . 2.55 4.00 -10.85
C17 OLA CA . 3.77 3.11 -10.85
C18 OLA CA . 4.15 2.54 -9.50
C1 OLA DA . 0.08 -4.99 13.05
O1 OLA DA . -1.05 -4.70 13.49
O2 OLA DA . 1.15 -4.74 13.64
C2 OLA DA . 0.15 -5.71 11.71
C3 OLA DA . -0.46 -4.95 10.58
C4 OLA DA . -0.60 -5.78 9.32
C5 OLA DA . -1.35 -5.09 8.21
C6 OLA DA . -1.76 -5.99 7.06
C7 OLA DA . -0.61 -6.61 6.28
C8 OLA DA . 0.27 -5.61 5.59
C9 OLA DA . 1.11 -6.22 4.52
C10 OLA DA . 2.05 -5.59 3.84
C11 OLA DA . 2.51 -4.19 4.11
C12 OLA DA . 3.92 -4.13 4.58
C13 OLA DA . 4.20 -4.99 5.79
C14 OLA DA . 5.62 -4.96 6.28
C15 OLA DA . 5.87 -5.84 7.47
C16 OLA DA . 5.02 -5.51 8.68
C17 OLA DA . 5.32 -6.38 9.88
C18 OLA DA . 4.43 -6.07 11.06
C1 OLA EA . -5.73 -3.11 11.95
O1 OLA EA . -4.48 -3.15 12.04
O2 OLA EA . -6.50 -3.38 12.89
C2 OLA EA . -6.34 -2.69 10.62
C3 OLA EA . -6.04 -3.62 9.49
C4 OLA EA . -6.75 -3.22 8.21
C5 OLA EA . -6.52 -4.16 7.04
C14 OLA FA . 21.57 -46.62 60.09
C15 OLA FA . 22.75 -47.46 59.67
C16 OLA FA . 22.38 -48.67 58.84
C17 OLA FA . 23.56 -49.49 58.41
C18 OLA FA . 23.17 -50.72 57.62
C1 OLA GA . 34.04 -26.14 22.97
O1 OLA GA . 34.32 -27.34 23.09
O2 OLA GA . 33.55 -25.46 23.88
C2 OLA GA . 34.25 -25.47 21.63
C3 OLA GA . 33.15 -25.68 20.65
C4 OLA GA . 33.30 -24.83 19.41
C5 OLA GA . 32.05 -24.73 18.59
C15 OLA HA . 9.79 -36.12 31.58
C16 OLA HA . 10.08 -34.98 30.64
C17 OLA HA . 9.17 -33.79 30.77
C18 OLA HA . 9.46 -32.70 29.77
C14 OLA IA . 18.85 -5.30 3.51
C15 OLA IA . 18.66 -4.98 4.98
C16 OLA IA . 17.74 -3.82 5.24
C17 OLA IA . 17.52 -3.50 6.70
C18 OLA IA . 16.56 -2.37 6.95
C12 OLA JA . -1.23 -17.55 -17.21
C13 OLA JA . -2.08 -16.30 -17.03
C14 OLA JA . -1.40 -15.21 -16.23
C15 OLA JA . -2.24 -13.97 -16.05
C16 OLA JA . -2.56 -13.24 -17.34
C17 OLA JA . -3.40 -12.00 -17.17
C18 OLA JA . -3.56 -11.19 -18.44
C1 OLA KA . -7.02 -2.10 -18.42
O1 OLA KA . -7.85 -2.26 -17.50
O2 OLA KA . -7.27 -2.35 -19.62
C2 OLA KA . -5.64 -1.57 -18.06
C3 OLA KA . -4.97 -2.34 -16.97
C4 OLA KA . -3.54 -1.89 -16.73
C5 OLA KA . -2.79 -2.74 -15.72
C6 OLA KA . -3.02 -4.21 -15.91
C7 OLA KA . -1.76 -5.09 -15.86
C8 OLA KA . -1.17 -5.32 -14.50
C9 OLA KA . -0.25 -6.50 -14.48
C10 OLA KA . 1.01 -6.50 -14.10
C11 OLA KA . 1.76 -5.34 -13.53
C12 OLA KA . 3.24 -5.51 -13.58
C13 OLA KA . 4.01 -4.24 -13.25
C14 OLA KA . 5.50 -4.33 -13.53
C15 OLA KA . 6.24 -3.03 -13.38
C1 OLA LA . 6.96 -26.30 47.70
O1 OLA LA . 6.96 -27.52 47.70
O2 OLA LA . 6.05 -25.64 47.19
C2 OLA LA . 8.12 -25.59 48.35
C3 OLA LA . 9.41 -25.74 47.64
C4 OLA LA . 10.57 -25.30 48.48
C5 OLA LA . 11.67 -24.62 47.74
C6 OLA LA . 12.70 -24.00 48.64
C7 OLA LA . 12.33 -22.68 49.29
C8 OLA LA . 12.53 -21.52 48.40
C1 OLA MA . -14.21 -28.80 -15.58
O1 OLA MA . -15.33 -29.25 -15.28
O2 OLA MA . -14.00 -28.06 -16.56
C2 OLA MA . -13.03 -29.19 -14.70
C3 OLA MA . -12.77 -30.66 -14.62
C4 OLA MA . -11.59 -31.00 -13.73
C5 OLA MA . -11.32 -32.47 -13.58
C6 OLA MA . -10.27 -32.83 -12.53
C1 OLA NA . -20.36 -28.72 -8.99
O1 OLA NA . -19.48 -28.70 -9.86
O2 OLA NA . -21.42 -28.07 -9.06
C2 OLA NA . -20.15 -29.60 -7.78
C3 OLA NA . -19.85 -28.87 -6.51
C4 OLA NA . -20.25 -29.67 -5.28
C5 OLA NA . -20.44 -28.81 -4.05
C6 OLA NA . -21.31 -29.42 -2.99
C12 OLA OA . 9.85 -7.26 -12.94
C13 OLA OA . 10.85 -7.89 -11.99
C14 OLA OA . 10.26 -8.96 -11.11
C15 OLA OA . 11.25 -9.60 -10.17
C16 OLA OA . 12.09 -10.71 -10.76
C17 OLA OA . 13.02 -11.32 -9.77
C18 OLA OA . 13.53 -12.67 -10.17
C13 OLA PA . 12.07 -5.54 -2.87
C14 OLA PA . 10.92 -5.76 -1.92
C15 OLA PA . 11.31 -6.35 -0.59
C16 OLA PA . 11.98 -7.69 -0.68
C17 OLA PA . 12.64 -8.16 0.57
C18 OLA PA . 13.58 -9.29 0.31
C14 OLA QA . 2.63 -11.67 18.33
C15 OLA QA . 4.02 -11.97 18.85
C16 OLA QA . 4.08 -12.06 20.34
C17 OLA QA . 5.41 -12.44 20.93
C18 OLA QA . 5.39 -12.35 22.43
C1 OLA RA . -8.48 -14.68 -25.65
O1 OLA RA . -8.27 -14.43 -26.84
O2 OLA RA . -8.99 -13.89 -24.87
C2 OLA RA . -8.08 -16.04 -25.13
C3 OLA RA . -6.62 -16.28 -24.95
C4 OLA RA . -6.33 -17.69 -24.46
C5 OLA RA . -4.96 -17.87 -23.87
C6 OLA RA . -4.79 -19.15 -23.12
O1 PG4 SA . -17.12 -11.56 -9.76
C1 PG4 SA . -17.93 -10.56 -9.18
C2 PG4 SA . -17.42 -10.12 -7.84
O2 PG4 SA . -18.36 -9.25 -7.22
C3 PG4 SA . -18.01 -8.97 -5.87
C4 PG4 SA . -19.10 -8.16 -5.24
O3 PG4 SA . -20.35 -8.77 -5.56
C5 PG4 SA . -21.46 -8.12 -4.93
C6 PG4 SA . -22.73 -8.68 -5.45
O4 PG4 SA . -22.73 -10.10 -5.29
C7 PG4 SA . -23.95 -10.70 -5.71
C8 PG4 SA . -23.66 -11.93 -6.51
O5 PG4 SA . -24.30 -13.08 -5.98
#